data_8OFA
#
_entry.id   8OFA
#
_cell.length_a   56.960
_cell.length_b   62.730
_cell.length_c   67.370
_cell.angle_alpha   105.065
_cell.angle_beta   94.087
_cell.angle_gamma   115.543
#
_symmetry.space_group_name_H-M   'P 1'
#
loop_
_entity.id
_entity.type
_entity.pdbx_description
1 polymer 'Cathepsin L'
2 non-polymer N-[(2S)-4-chloro-3-oxo-1-phenyl-butan-2-yl]-4-methyl-benzenesulfonamide
3 non-polymer 1,2-ETHANEDIOL
4 non-polymer DI(HYDROXYETHYL)ETHER
5 non-polymer 'DIMETHYL SULFOXIDE'
6 non-polymer 'TRIETHYLENE GLYCOL'
7 non-polymer 1-METHOXY-2-[2-(2-METHOXY-ETHOXY]-ETHANE
8 non-polymer 4-methyl-~{N}-[(2~{S})-4-oxidanyl-3-oxidanylidene-1-phenyl-butan-2-yl]benzenesulfonamide
9 non-polymer 'ACETATE ION'
10 water water
#
_entity_poly.entity_id   1
_entity_poly.type   'polypeptide(L)'
_entity_poly.pdbx_seq_one_letter_code
;APRSVDWREKGYVTPVKNQGQCGSCWAFSATGALEGQMFRKTGRLISLSEQNLVDCSGPQGNEGCNGGLMDYAFQYVQDN
GGLDSEESYPYEATEESCKYNPKYSVANDAGFVDIPKQEKALMKAVATVGPISVAIDAGHESFLFYKEGIYFEPDCSSED
MDHGVLVVGYGFESTESDNNKYWLVKNSWGEEWGMGGYVKMAKDRRNHCGIASAASYPTV
;
_entity_poly.pdbx_strand_id   A,B,C,D
#
loop_
_chem_comp.id
_chem_comp.type
_chem_comp.name
_chem_comp.formula
ACT non-polymer 'ACETATE ION' 'C2 H3 O2 -1'
DMS non-polymer 'DIMETHYL SULFOXIDE' 'C2 H6 O S'
EDO non-polymer 1,2-ETHANEDIOL 'C2 H6 O2'
PEG non-polymer DI(HYDROXYETHYL)ETHER 'C4 H10 O3'
PG5 non-polymer 1-METHOXY-2-[2-(2-METHOXY-ETHOXY]-ETHANE 'C8 H18 O4'
PGE non-polymer 'TRIETHYLENE GLYCOL' 'C6 H14 O4'
TQ8 non-polymer N-[(2S)-4-chloro-3-oxo-1-phenyl-butan-2-yl]-4-methyl-benzenesulfonamide 'C17 H18 Cl N O3 S'
VLF non-polymer 4-methyl-~{N}-[(2~{S})-4-oxidanyl-3-oxidanylidene-1-phenyl-butan-2-yl]benzenesulfonamide 'C17 H19 N O4 S'
#
# COMPACT_ATOMS: atom_id res chain seq x y z
N ALA A 1 -0.93 21.66 5.71
CA ALA A 1 -1.22 20.38 6.33
C ALA A 1 -0.25 19.32 5.82
N PRO A 2 -0.03 18.26 6.61
CA PRO A 2 0.76 17.14 6.12
C PRO A 2 0.08 16.49 4.92
N ARG A 3 0.89 15.79 4.13
CA ARG A 3 0.33 15.01 3.03
C ARG A 3 -0.33 13.73 3.52
N SER A 4 0.10 13.25 4.69
CA SER A 4 -0.33 11.98 5.27
C SER A 4 -0.49 12.12 6.77
N VAL A 5 -1.61 11.63 7.29
CA VAL A 5 -1.87 11.58 8.72
C VAL A 5 -2.45 10.23 9.07
N ASP A 6 -2.01 9.64 10.20
CA ASP A 6 -2.63 8.41 10.68
C ASP A 6 -2.59 8.42 12.21
N TRP A 7 -3.73 8.75 12.83
CA TRP A 7 -3.78 8.90 14.29
C TRP A 7 -3.63 7.58 15.02
N ARG A 8 -3.80 6.43 14.33
CA ARG A 8 -3.55 5.17 15.00
C ARG A 8 -2.09 5.07 15.44
N GLU A 9 -1.18 5.70 14.69
CA GLU A 9 0.24 5.67 15.04
C GLU A 9 0.54 6.48 16.28
N LYS A 10 -0.36 7.39 16.67
CA LYS A 10 -0.17 8.25 17.83
C LYS A 10 -0.94 7.77 19.05
N GLY A 11 -1.67 6.65 18.95
CA GLY A 11 -2.32 6.05 20.09
C GLY A 11 -3.72 6.54 20.34
N TYR A 12 -4.32 7.25 19.39
CA TYR A 12 -5.63 7.86 19.54
C TYR A 12 -6.80 6.91 19.30
N VAL A 13 -6.57 5.67 18.85
CA VAL A 13 -7.64 4.88 18.23
C VAL A 13 -7.68 3.47 18.82
N THR A 14 -8.86 3.07 19.30
CA THR A 14 -9.08 1.72 19.79
C THR A 14 -9.23 0.75 18.62
N PRO A 15 -9.20 -0.56 18.89
CA PRO A 15 -9.39 -1.52 17.79
C PRO A 15 -10.79 -1.41 17.21
N VAL A 16 -10.95 -2.02 16.02
CA VAL A 16 -12.23 -1.98 15.31
C VAL A 16 -13.27 -2.75 16.10
N LYS A 17 -14.47 -2.20 16.18
CA LYS A 17 -15.60 -2.78 16.90
C LYS A 17 -16.66 -3.23 15.90
N ASN A 18 -17.71 -3.85 16.41
CA ASN A 18 -18.73 -4.42 15.53
C ASN A 18 -20.10 -4.10 16.10
N GLN A 19 -20.84 -3.26 15.38
CA GLN A 19 -22.16 -2.84 15.84
C GLN A 19 -23.18 -3.95 15.74
N GLY A 20 -22.90 -5.01 14.99
CA GLY A 20 -23.89 -6.07 14.85
C GLY A 20 -25.12 -5.59 14.09
N GLN A 21 -26.26 -6.24 14.37
CA GLN A 21 -27.49 -5.95 13.63
C GLN A 21 -28.30 -4.83 14.25
N CYS A 22 -27.65 -3.89 14.92
CA CYS A 22 -28.30 -2.72 15.50
C CYS A 22 -27.85 -1.49 14.74
N GLY A 23 -28.79 -0.60 14.44
CA GLY A 23 -28.46 0.61 13.70
C GLY A 23 -27.79 1.67 14.57
N SER A 24 -26.62 1.34 15.13
CA SER A 24 -25.96 2.17 16.12
C SER A 24 -24.65 2.75 15.61
N CYS A 25 -24.48 2.80 14.29
CA CYS A 25 -23.26 3.37 13.72
C CYS A 25 -22.92 4.72 14.34
N TRP A 26 -23.93 5.56 14.53
CA TRP A 26 -23.73 6.90 15.10
C TRP A 26 -23.05 6.82 16.47
N ALA A 27 -23.37 5.81 17.27
CA ALA A 27 -22.74 5.63 18.57
C ALA A 27 -21.28 5.24 18.45
N PHE A 28 -20.94 4.38 17.47
CA PHE A 28 -19.55 3.98 17.33
C PHE A 28 -18.70 5.12 16.77
N SER A 29 -19.25 5.90 15.84
CA SER A 29 -18.57 7.12 15.40
C SER A 29 -18.32 8.06 16.56
N ALA A 30 -19.33 8.28 17.40
CA ALA A 30 -19.17 9.23 18.50
C ALA A 30 -18.15 8.75 19.52
N THR A 31 -18.21 7.47 19.92
CA THR A 31 -17.21 6.97 20.88
C THR A 31 -15.81 7.02 20.29
N GLY A 32 -15.68 6.75 18.99
CA GLY A 32 -14.37 6.87 18.36
C GLY A 32 -13.80 8.28 18.44
N ALA A 33 -14.63 9.28 18.12
CA ALA A 33 -14.17 10.67 18.23
C ALA A 33 -13.84 11.04 19.68
N LEU A 34 -14.70 10.65 20.62
CA LEU A 34 -14.45 10.97 22.03
C LEU A 34 -13.26 10.20 22.60
N GLU A 35 -13.07 8.95 22.17
CA GLU A 35 -11.88 8.18 22.57
C GLU A 35 -10.59 8.91 22.15
N GLY A 36 -10.60 9.53 20.96
CA GLY A 36 -9.41 10.26 20.52
C GLY A 36 -9.18 11.54 21.33
N GLN A 37 -10.23 12.34 21.52
CA GLN A 37 -10.05 13.60 22.24
C GLN A 37 -9.71 13.37 23.70
N MET A 38 -10.28 12.33 24.31
CA MET A 38 -9.91 11.98 25.67
C MET A 38 -8.43 11.61 25.74
N PHE A 39 -7.94 10.85 24.76
CA PHE A 39 -6.52 10.50 24.76
C PHE A 39 -5.66 11.73 24.61
N ARG A 40 -6.05 12.63 23.70
CA ARG A 40 -5.35 13.90 23.52
C ARG A 40 -5.19 14.66 24.84
N LYS A 41 -6.17 14.54 25.74
CA LYS A 41 -6.16 15.28 27.00
C LYS A 41 -5.35 14.55 28.07
N THR A 42 -5.61 13.26 28.27
CA THR A 42 -5.09 12.53 29.42
C THR A 42 -3.93 11.59 29.11
N GLY A 43 -3.69 11.28 27.83
CA GLY A 43 -2.69 10.27 27.52
C GLY A 43 -3.11 8.85 27.76
N ARG A 44 -4.37 8.61 28.11
CA ARG A 44 -4.87 7.27 28.37
C ARG A 44 -5.98 6.98 27.36
N LEU A 45 -5.82 5.89 26.63
CA LEU A 45 -6.83 5.43 25.67
C LEU A 45 -7.77 4.46 26.37
N ILE A 46 -9.05 4.84 26.51
CA ILE A 46 -10.05 3.98 27.13
C ILE A 46 -11.23 3.84 26.18
N SER A 47 -11.52 2.60 25.79
CA SER A 47 -12.71 2.27 25.01
C SER A 47 -13.98 2.69 25.73
N LEU A 48 -14.89 3.35 25.01
CA LEU A 48 -16.10 3.93 25.58
C LEU A 48 -17.33 3.13 25.16
N SER A 49 -18.40 3.29 25.94
CA SER A 49 -19.60 2.43 25.84
C SER A 49 -20.58 2.97 24.80
N GLU A 50 -20.69 2.27 23.67
CA GLU A 50 -21.77 2.55 22.73
C GLU A 50 -23.14 2.23 23.31
N GLN A 51 -23.24 1.17 24.11
CA GLN A 51 -24.52 0.81 24.70
C GLN A 51 -25.04 1.93 25.59
N ASN A 52 -24.13 2.59 26.30
CA ASN A 52 -24.50 3.75 27.12
C ASN A 52 -25.18 4.82 26.26
N LEU A 53 -24.63 5.09 25.06
CA LEU A 53 -25.28 6.05 24.16
C LEU A 53 -26.61 5.51 23.62
N VAL A 54 -26.63 4.24 23.19
CA VAL A 54 -27.85 3.66 22.62
C VAL A 54 -29.00 3.70 23.63
N ASP A 55 -28.72 3.35 24.89
CA ASP A 55 -29.76 3.26 25.90
C ASP A 55 -30.18 4.61 26.46
N CYS A 56 -29.31 5.63 26.41
CA CYS A 56 -29.44 6.79 27.29
C CYS A 56 -29.55 8.13 26.59
N SER A 57 -29.15 8.25 25.33
CA SER A 57 -29.09 9.55 24.67
C SER A 57 -30.35 9.87 23.86
N GLY A 58 -31.47 9.18 24.14
CA GLY A 58 -32.75 9.58 23.61
C GLY A 58 -33.15 11.00 23.87
N PRO A 59 -32.97 11.54 25.09
CA PRO A 59 -33.40 12.93 25.33
C PRO A 59 -32.66 13.94 24.45
N GLN A 60 -31.49 13.58 23.94
CA GLN A 60 -30.78 14.47 23.03
C GLN A 60 -31.22 14.30 21.58
N GLY A 61 -32.10 13.34 21.29
CA GLY A 61 -32.65 13.17 19.94
C GLY A 61 -32.28 11.87 19.26
N ASN A 62 -31.49 11.01 19.91
CA ASN A 62 -31.09 9.74 19.34
C ASN A 62 -32.19 8.71 19.50
N GLU A 63 -32.16 7.67 18.66
CA GLU A 63 -33.22 6.66 18.65
C GLU A 63 -32.64 5.26 18.68
N GLY A 64 -31.62 5.05 19.53
CA GLY A 64 -31.13 3.71 19.80
C GLY A 64 -30.69 2.99 18.54
N CYS A 65 -31.21 1.76 18.36
CA CYS A 65 -30.89 0.98 17.17
C CYS A 65 -31.64 1.47 15.94
N ASN A 66 -32.50 2.48 16.08
CA ASN A 66 -33.23 3.05 14.95
C ASN A 66 -32.52 4.25 14.34
N GLY A 67 -31.40 4.68 14.91
CA GLY A 67 -30.60 5.74 14.33
C GLY A 67 -30.28 6.81 15.35
N GLY A 68 -29.41 7.73 14.93
CA GLY A 68 -28.97 8.80 15.80
C GLY A 68 -27.91 9.64 15.09
N LEU A 69 -27.43 10.66 15.81
CA LEU A 69 -26.43 11.59 15.31
C LEU A 69 -25.28 11.67 16.29
N MET A 70 -24.08 11.80 15.75
CA MET A 70 -22.90 11.91 16.59
C MET A 70 -22.97 13.16 17.46
N ASP A 71 -23.50 14.26 16.90
CA ASP A 71 -23.63 15.50 17.67
C ASP A 71 -24.54 15.33 18.86
N TYR A 72 -25.66 14.62 18.68
CA TYR A 72 -26.57 14.33 19.78
C TYR A 72 -25.87 13.52 20.88
N ALA A 73 -25.04 12.54 20.49
CA ALA A 73 -24.25 11.80 21.47
C ALA A 73 -23.29 12.72 22.21
N PHE A 74 -22.58 13.59 21.49
CA PHE A 74 -21.70 14.53 22.16
C PHE A 74 -22.48 15.42 23.11
N GLN A 75 -23.68 15.85 22.69
CA GLN A 75 -24.56 16.64 23.56
C GLN A 75 -24.97 15.86 24.80
N TYR A 76 -25.17 14.55 24.68
CA TYR A 76 -25.54 13.73 25.83
C TYR A 76 -24.41 13.66 26.84
N VAL A 77 -23.18 13.37 26.39
CA VAL A 77 -22.06 13.30 27.29
C VAL A 77 -21.90 14.61 28.06
N GLN A 78 -22.14 15.74 27.40
CA GLN A 78 -22.10 17.05 28.09
C GLN A 78 -23.24 17.18 29.09
N ASP A 79 -24.48 17.00 28.62
CA ASP A 79 -25.65 17.12 29.50
C ASP A 79 -25.55 16.16 30.68
N ASN A 80 -25.09 14.93 30.42
CA ASN A 80 -25.11 13.87 31.40
C ASN A 80 -23.94 13.94 32.38
N GLY A 81 -22.92 14.73 32.10
CA GLY A 81 -21.75 14.75 32.95
C GLY A 81 -20.89 13.50 32.88
N GLY A 82 -20.99 12.70 31.83
CA GLY A 82 -20.08 11.58 31.74
C GLY A 82 -20.57 10.52 30.78
N LEU A 83 -19.72 9.50 30.63
CA LEU A 83 -20.01 8.36 29.76
C LEU A 83 -19.21 7.17 30.27
N ASP A 84 -19.87 6.03 30.42
CA ASP A 84 -19.24 4.86 31.00
C ASP A 84 -18.26 4.20 30.01
N SER A 85 -17.27 3.51 30.56
CA SER A 85 -16.31 2.77 29.77
C SER A 85 -16.96 1.56 29.10
N GLU A 86 -16.35 1.14 27.99
CA GLU A 86 -16.78 -0.07 27.29
C GLU A 86 -16.80 -1.29 28.22
N GLU A 87 -15.77 -1.45 29.04
CA GLU A 87 -15.72 -2.62 29.91
C GLU A 87 -16.83 -2.59 30.95
N SER A 88 -17.18 -1.41 31.46
CA SER A 88 -18.19 -1.32 32.51
C SER A 88 -19.60 -1.45 31.95
N TYR A 89 -19.80 -1.15 30.68
CA TYR A 89 -21.14 -1.05 30.09
C TYR A 89 -21.06 -1.62 28.69
N PRO A 90 -20.94 -2.95 28.56
CA PRO A 90 -20.58 -3.56 27.27
C PRO A 90 -21.72 -3.56 26.27
N TYR A 91 -21.34 -3.78 25.01
CA TYR A 91 -22.25 -3.64 23.89
C TYR A 91 -23.10 -4.89 23.68
N GLU A 92 -24.42 -4.69 23.63
CA GLU A 92 -25.38 -5.77 23.47
C GLU A 92 -26.13 -5.73 22.15
N ALA A 93 -25.92 -4.68 21.33
CA ALA A 93 -26.58 -4.54 20.02
C ALA A 93 -28.10 -4.58 20.11
N THR A 94 -28.66 -4.15 21.22
CA THR A 94 -30.11 -4.05 21.35
C THR A 94 -30.42 -2.92 22.34
N GLU A 95 -31.50 -2.19 22.11
CA GLU A 95 -31.80 -1.06 22.97
C GLU A 95 -32.50 -1.54 24.24
N GLU A 96 -32.07 -0.97 25.38
CA GLU A 96 -32.61 -1.33 26.68
C GLU A 96 -32.71 -0.03 27.49
N SER A 97 -33.20 -0.15 28.72
CA SER A 97 -33.29 1.02 29.59
C SER A 97 -31.89 1.50 29.93
N CYS A 98 -31.78 2.80 30.22
N CYS A 98 -31.78 2.80 30.23
CA CYS A 98 -30.50 3.40 30.55
CA CYS A 98 -30.50 3.40 30.55
C CYS A 98 -29.95 2.86 31.88
C CYS A 98 -29.96 2.85 31.87
N LYS A 99 -28.73 2.35 31.84
CA LYS A 99 -28.08 1.83 33.05
C LYS A 99 -26.82 2.62 33.40
N TYR A 100 -26.75 3.88 32.98
CA TYR A 100 -25.58 4.70 33.24
C TYR A 100 -25.28 4.79 34.74
N ASN A 101 -24.01 4.64 35.10
CA ASN A 101 -23.57 4.73 36.49
C ASN A 101 -22.37 5.67 36.52
N PRO A 102 -22.49 6.83 37.15
CA PRO A 102 -21.40 7.81 37.05
C PRO A 102 -20.11 7.36 37.70
N LYS A 103 -20.16 6.40 38.63
CA LYS A 103 -18.92 5.90 39.23
C LYS A 103 -17.99 5.33 38.16
N TYR A 104 -18.54 4.85 37.06
CA TYR A 104 -17.77 4.22 36.00
C TYR A 104 -17.58 5.12 34.79
N SER A 105 -17.87 6.41 34.91
CA SER A 105 -17.71 7.28 33.76
C SER A 105 -16.22 7.62 33.60
N VAL A 106 -15.77 7.64 32.35
CA VAL A 106 -14.35 7.87 32.06
C VAL A 106 -14.13 8.94 31.00
N ALA A 107 -15.19 9.57 30.53
CA ALA A 107 -15.08 10.58 29.50
C ALA A 107 -16.05 11.71 29.83
N ASN A 108 -15.72 12.90 29.31
CA ASN A 108 -16.55 14.07 29.43
C ASN A 108 -16.36 14.91 28.17
N ASP A 109 -17.33 15.73 27.85
CA ASP A 109 -17.07 16.80 26.88
C ASP A 109 -17.92 18.00 27.24
N ALA A 110 -17.57 19.12 26.62
CA ALA A 110 -18.20 20.41 26.84
C ALA A 110 -18.73 20.95 25.53
N GLY A 111 -19.37 20.08 24.75
CA GLY A 111 -19.91 20.49 23.48
C GLY A 111 -19.25 19.80 22.31
N PHE A 112 -19.47 20.35 21.12
CA PHE A 112 -18.93 19.76 19.92
C PHE A 112 -18.72 20.87 18.90
N VAL A 113 -17.90 20.60 17.90
CA VAL A 113 -17.64 21.55 16.84
C VAL A 113 -18.07 20.91 15.53
N ASP A 114 -18.91 21.61 14.77
CA ASP A 114 -19.32 21.17 13.44
C ASP A 114 -18.41 21.79 12.39
N ILE A 115 -17.86 20.95 11.52
CA ILE A 115 -16.83 21.36 10.57
C ILE A 115 -17.52 21.87 9.31
N PRO A 116 -17.05 22.97 8.70
CA PRO A 116 -17.65 23.43 7.45
C PRO A 116 -17.70 22.31 6.42
N LYS A 117 -18.73 22.35 5.58
CA LYS A 117 -19.00 21.26 4.63
C LYS A 117 -18.05 21.39 3.44
N GLN A 118 -16.77 21.19 3.73
CA GLN A 118 -15.68 21.36 2.77
C GLN A 118 -14.60 20.33 3.10
N GLU A 119 -14.13 19.60 2.10
CA GLU A 119 -13.04 18.65 2.36
C GLU A 119 -11.77 19.38 2.81
N LYS A 120 -11.52 20.58 2.29
CA LYS A 120 -10.38 21.36 2.76
C LYS A 120 -10.45 21.60 4.26
N ALA A 121 -11.65 21.93 4.76
CA ALA A 121 -11.81 22.15 6.20
C ALA A 121 -11.70 20.84 6.96
N LEU A 122 -12.20 19.73 6.38
CA LEU A 122 -12.08 18.45 7.05
C LEU A 122 -10.62 18.03 7.16
N MET A 123 -9.84 18.24 6.10
CA MET A 123 -8.42 17.94 6.15
C MET A 123 -7.73 18.66 7.31
N LYS A 124 -7.96 19.96 7.43
CA LYS A 124 -7.29 20.73 8.49
C LYS A 124 -7.71 20.24 9.88
N ALA A 125 -8.99 19.89 10.05
CA ALA A 125 -9.42 19.34 11.33
C ALA A 125 -8.75 18.00 11.62
N VAL A 126 -8.72 17.10 10.62
CA VAL A 126 -8.05 15.83 10.86
C VAL A 126 -6.57 16.04 11.18
N ALA A 127 -5.93 17.01 10.53
CA ALA A 127 -4.50 17.21 10.73
C ALA A 127 -4.18 17.81 12.09
N THR A 128 -5.12 18.54 12.70
CA THR A 128 -4.79 19.30 13.91
C THR A 128 -5.55 18.85 15.15
N VAL A 129 -6.63 18.10 15.02
CA VAL A 129 -7.50 17.75 16.13
C VAL A 129 -7.34 16.29 16.54
N GLY A 130 -7.49 15.37 15.59
CA GLY A 130 -7.53 13.96 15.89
C GLY A 130 -8.59 13.30 15.01
N PRO A 131 -8.98 12.07 15.34
CA PRO A 131 -10.06 11.42 14.59
C PRO A 131 -11.34 12.26 14.62
N ILE A 132 -12.05 12.26 13.50
CA ILE A 132 -13.22 13.11 13.27
C ILE A 132 -14.41 12.22 12.96
N SER A 133 -15.55 12.47 13.61
CA SER A 133 -16.79 11.80 13.27
C SER A 133 -17.35 12.36 11.96
N VAL A 134 -17.73 11.46 11.05
CA VAL A 134 -18.30 11.84 9.76
C VAL A 134 -19.42 10.88 9.41
N ALA A 135 -20.29 11.32 8.50
CA ALA A 135 -21.33 10.47 7.95
C ALA A 135 -21.09 10.34 6.46
N ILE A 136 -21.39 9.15 5.92
CA ILE A 136 -21.20 8.84 4.51
C ILE A 136 -22.42 8.11 3.97
N ASP A 137 -22.56 8.13 2.65
CA ASP A 137 -23.49 7.27 1.93
C ASP A 137 -22.81 5.91 1.76
N ALA A 138 -23.19 4.95 2.58
CA ALA A 138 -22.68 3.58 2.50
C ALA A 138 -23.66 2.64 1.82
N GLY A 139 -24.72 3.18 1.22
CA GLY A 139 -25.78 2.36 0.66
C GLY A 139 -25.51 1.83 -0.74
N HIS A 140 -24.40 1.11 -0.92
CA HIS A 140 -24.06 0.53 -2.21
C HIS A 140 -23.37 -0.81 -1.99
N GLU A 141 -23.70 -1.78 -2.85
CA GLU A 141 -23.06 -3.09 -2.77
C GLU A 141 -21.54 -2.96 -2.80
N SER A 142 -21.02 -1.99 -3.57
CA SER A 142 -19.58 -1.81 -3.66
C SER A 142 -18.95 -1.54 -2.30
N PHE A 143 -19.69 -0.85 -1.42
CA PHE A 143 -19.17 -0.58 -0.08
C PHE A 143 -19.15 -1.84 0.77
N LEU A 144 -20.17 -2.69 0.60
CA LEU A 144 -20.27 -3.92 1.37
C LEU A 144 -19.08 -4.84 1.08
N PHE A 145 -18.68 -4.93 -0.20
CA PHE A 145 -17.61 -5.83 -0.62
C PHE A 145 -16.25 -5.15 -0.74
N TYR A 146 -16.10 -3.92 -0.26
CA TYR A 146 -14.79 -3.28 -0.32
C TYR A 146 -13.73 -4.16 0.34
N LYS A 147 -12.55 -4.23 -0.28
CA LYS A 147 -11.47 -5.07 0.22
C LYS A 147 -10.12 -4.36 0.27
N GLU A 148 -9.85 -3.46 -0.69
CA GLU A 148 -8.58 -2.76 -0.70
C GLU A 148 -8.67 -1.62 -1.70
N GLY A 149 -7.63 -0.80 -1.72
CA GLY A 149 -7.57 0.32 -2.61
C GLY A 149 -8.38 1.51 -2.13
N ILE A 150 -8.52 2.49 -3.01
CA ILE A 150 -9.30 3.67 -2.74
C ILE A 150 -10.73 3.43 -3.21
N TYR A 151 -11.68 3.55 -2.29
CA TYR A 151 -13.09 3.33 -2.60
C TYR A 151 -13.65 4.51 -3.37
N PHE A 152 -14.25 4.24 -4.54
CA PHE A 152 -14.94 5.26 -5.32
C PHE A 152 -16.16 4.65 -5.97
N GLU A 153 -17.32 5.21 -5.66
CA GLU A 153 -18.61 4.71 -6.13
C GLU A 153 -19.26 5.82 -6.94
N PRO A 154 -19.33 5.72 -8.27
CA PRO A 154 -19.91 6.83 -9.06
C PRO A 154 -21.32 7.21 -8.63
N ASP A 155 -22.11 6.25 -8.15
CA ASP A 155 -23.48 6.52 -7.74
C ASP A 155 -23.58 7.05 -6.31
N CYS A 156 -22.48 7.45 -5.69
CA CYS A 156 -22.51 7.84 -4.29
C CYS A 156 -23.08 9.25 -4.16
N SER A 157 -23.96 9.42 -3.19
CA SER A 157 -24.58 10.72 -2.92
C SER A 157 -23.74 11.55 -1.95
N SER A 158 -23.65 12.84 -2.23
N SER A 158 -23.66 12.85 -2.23
CA SER A 158 -22.95 13.78 -1.36
CA SER A 158 -22.96 13.80 -1.38
C SER A 158 -23.89 14.48 -0.39
C SER A 158 -23.89 14.51 -0.41
N GLU A 159 -25.18 14.16 -0.41
CA GLU A 159 -26.18 14.83 0.42
C GLU A 159 -26.95 13.90 1.32
N ASP A 160 -27.20 12.66 0.92
CA ASP A 160 -27.96 11.70 1.71
C ASP A 160 -26.99 10.65 2.24
N MET A 161 -26.46 10.90 3.43
CA MET A 161 -25.60 9.94 4.11
C MET A 161 -26.45 9.10 5.06
N ASP A 162 -26.09 7.82 5.20
CA ASP A 162 -26.84 6.92 6.06
C ASP A 162 -25.98 6.21 7.11
N HIS A 163 -24.70 6.55 7.22
CA HIS A 163 -23.79 5.71 7.99
C HIS A 163 -22.73 6.59 8.64
N GLY A 164 -22.68 6.58 9.96
CA GLY A 164 -21.68 7.36 10.68
C GLY A 164 -20.45 6.51 10.92
N VAL A 165 -19.27 7.10 10.64
CA VAL A 165 -17.99 6.41 10.75
C VAL A 165 -16.96 7.42 11.27
N LEU A 166 -15.68 7.08 11.21
CA LEU A 166 -14.64 7.87 11.87
C LEU A 166 -13.45 8.04 10.94
N VAL A 167 -13.11 9.29 10.62
CA VAL A 167 -11.89 9.57 9.87
C VAL A 167 -10.71 9.61 10.83
N VAL A 168 -9.76 8.69 10.66
CA VAL A 168 -8.57 8.64 11.52
C VAL A 168 -7.33 9.18 10.84
N GLY A 169 -7.45 9.60 9.58
CA GLY A 169 -6.31 10.13 8.87
C GLY A 169 -6.63 10.27 7.40
N TYR A 170 -5.58 10.50 6.63
CA TYR A 170 -5.67 10.61 5.18
C TYR A 170 -4.28 10.39 4.59
N GLY A 171 -4.24 10.17 3.29
CA GLY A 171 -2.99 9.84 2.63
C GLY A 171 -3.19 9.69 1.14
N PHE A 172 -2.26 8.98 0.51
CA PHE A 172 -2.26 8.88 -0.94
C PHE A 172 -1.61 7.57 -1.36
N GLU A 173 -1.99 7.07 -2.53
CA GLU A 173 -1.23 6.00 -3.16
C GLU A 173 -1.51 6.05 -4.66
N SER A 174 -0.49 5.68 -5.45
CA SER A 174 -0.61 5.73 -6.90
C SER A 174 -1.72 4.80 -7.38
N THR A 175 -2.57 5.30 -8.26
CA THR A 175 -3.66 4.51 -8.83
C THR A 175 -3.69 4.65 -10.33
N GLU A 176 -4.43 3.73 -10.96
CA GLU A 176 -4.60 3.75 -12.41
C GLU A 176 -5.18 5.08 -12.89
N SER A 177 -6.17 5.61 -12.18
CA SER A 177 -6.90 6.81 -12.59
C SER A 177 -6.25 8.11 -12.14
N ASP A 178 -5.17 8.03 -11.35
CA ASP A 178 -4.48 9.19 -10.81
C ASP A 178 -5.37 10.02 -9.90
N ASN A 179 -6.42 9.40 -9.38
CA ASN A 179 -7.16 9.89 -8.22
C ASN A 179 -6.56 9.17 -7.03
N ASN A 180 -5.54 9.78 -6.41
CA ASN A 180 -4.63 9.08 -5.51
C ASN A 180 -4.88 9.36 -4.03
N LYS A 181 -5.75 10.31 -3.69
CA LYS A 181 -5.89 10.76 -2.32
C LYS A 181 -7.05 10.05 -1.64
N TYR A 182 -6.87 9.73 -0.36
CA TYR A 182 -7.94 9.05 0.37
C TYR A 182 -8.04 9.54 1.80
N TRP A 183 -9.23 9.38 2.34
CA TRP A 183 -9.52 9.43 3.76
C TRP A 183 -9.41 8.02 4.34
N LEU A 184 -8.70 7.90 5.45
CA LEU A 184 -8.58 6.63 6.16
C LEU A 184 -9.70 6.54 7.18
N VAL A 185 -10.61 5.58 7.00
CA VAL A 185 -11.88 5.58 7.71
C VAL A 185 -12.03 4.29 8.51
N LYS A 186 -12.28 4.42 9.81
CA LYS A 186 -12.61 3.31 10.68
C LYS A 186 -14.11 3.01 10.59
N ASN A 187 -14.45 1.79 10.22
CA ASN A 187 -15.85 1.35 10.23
C ASN A 187 -16.14 0.60 11.54
N SER A 188 -17.40 0.20 11.70
CA SER A 188 -17.86 -0.51 12.89
C SER A 188 -18.55 -1.81 12.51
N TRP A 189 -18.02 -2.48 11.47
CA TRP A 189 -18.54 -3.77 11.02
C TRP A 189 -17.56 -4.91 11.31
N GLY A 190 -16.70 -4.75 12.32
CA GLY A 190 -15.70 -5.76 12.65
C GLY A 190 -14.51 -5.73 11.70
N GLU A 191 -13.47 -6.50 12.03
CA GLU A 191 -12.24 -6.41 11.26
C GLU A 191 -12.23 -7.32 10.03
N GLU A 192 -13.23 -8.19 9.88
CA GLU A 192 -13.31 -8.99 8.66
C GLU A 192 -13.81 -8.18 7.47
N TRP A 193 -14.47 -7.07 7.70
CA TRP A 193 -14.93 -6.23 6.60
C TRP A 193 -13.76 -5.37 6.12
N GLY A 194 -13.71 -5.10 4.83
CA GLY A 194 -12.73 -4.15 4.32
C GLY A 194 -11.30 -4.54 4.63
N MET A 195 -10.48 -3.54 4.96
N MET A 195 -10.47 -3.54 4.92
CA MET A 195 -9.06 -3.72 5.24
CA MET A 195 -9.05 -3.78 5.21
C MET A 195 -8.89 -3.71 6.75
C MET A 195 -8.88 -3.73 6.73
N GLY A 196 -9.06 -4.89 7.36
CA GLY A 196 -9.06 -4.95 8.81
C GLY A 196 -10.07 -4.03 9.45
N GLY A 197 -11.24 -3.85 8.83
CA GLY A 197 -12.27 -2.98 9.35
C GLY A 197 -12.17 -1.53 8.90
N TYR A 198 -11.16 -1.18 8.10
CA TYR A 198 -10.92 0.17 7.58
C TYR A 198 -11.21 0.25 6.09
N VAL A 199 -11.46 1.47 5.63
CA VAL A 199 -11.66 1.74 4.21
C VAL A 199 -10.93 3.02 3.85
N LYS A 200 -10.26 3.01 2.68
CA LYS A 200 -9.68 4.22 2.11
C LYS A 200 -10.70 4.82 1.15
N MET A 201 -11.28 5.95 1.55
CA MET A 201 -12.35 6.57 0.80
C MET A 201 -11.82 7.75 -0.01
N ALA A 202 -12.35 7.90 -1.22
CA ALA A 202 -11.85 8.91 -2.15
C ALA A 202 -11.89 10.30 -1.53
N LYS A 203 -10.74 10.97 -1.54
CA LYS A 203 -10.58 12.29 -0.95
C LYS A 203 -10.38 13.31 -2.07
N ASP A 204 -11.02 14.47 -1.91
CA ASP A 204 -10.94 15.57 -2.88
C ASP A 204 -11.54 15.18 -4.22
N ARG A 205 -12.51 14.28 -4.19
CA ARG A 205 -13.29 13.96 -5.38
C ARG A 205 -14.71 14.47 -5.18
N ARG A 206 -14.85 15.75 -4.97
CA ARG A 206 -16.14 16.45 -4.83
C ARG A 206 -16.96 15.90 -3.66
N ASN A 207 -16.40 15.79 -2.49
CA ASN A 207 -17.13 15.35 -1.31
C ASN A 207 -17.75 13.97 -1.56
N HIS A 208 -16.91 13.05 -2.03
CA HIS A 208 -17.39 11.73 -2.40
C HIS A 208 -18.10 11.05 -1.23
N CYS A 209 -19.33 10.62 -1.48
CA CYS A 209 -20.22 9.99 -0.51
C CYS A 209 -20.59 10.91 0.65
N GLY A 210 -20.33 12.22 0.54
CA GLY A 210 -20.73 13.16 1.57
C GLY A 210 -19.86 13.16 2.81
N ILE A 211 -18.62 12.67 2.72
CA ILE A 211 -17.77 12.51 3.90
C ILE A 211 -17.55 13.84 4.65
N ALA A 212 -17.64 14.97 3.96
CA ALA A 212 -17.41 16.26 4.61
C ALA A 212 -18.71 17.02 4.88
N SER A 213 -19.88 16.42 4.66
CA SER A 213 -21.13 17.15 4.84
C SER A 213 -21.65 17.13 6.27
N ALA A 214 -21.16 16.23 7.11
CA ALA A 214 -21.64 16.14 8.49
C ALA A 214 -20.48 15.68 9.38
N ALA A 215 -19.36 16.41 9.33
CA ALA A 215 -18.19 16.14 10.13
C ALA A 215 -18.20 16.97 11.41
N SER A 216 -17.75 16.38 12.51
CA SER A 216 -17.77 17.06 13.80
C SER A 216 -16.84 16.32 14.75
N TYR A 217 -16.58 16.94 15.90
CA TYR A 217 -15.82 16.30 16.96
C TYR A 217 -16.23 16.92 18.28
N PRO A 218 -16.02 16.22 19.40
CA PRO A 218 -16.40 16.77 20.70
C PRO A 218 -15.31 17.68 21.24
N THR A 219 -15.73 18.61 22.09
CA THR A 219 -14.81 19.53 22.76
C THR A 219 -14.41 18.95 24.11
N VAL A 220 -13.14 18.67 24.29
CA VAL A 220 -12.68 18.06 25.53
C VAL A 220 -11.57 18.90 26.16
N ALA B 1 20.39 -0.46 -5.84
CA ALA B 1 20.62 0.75 -6.63
C ALA B 1 22.08 1.18 -6.53
N PRO B 2 22.55 1.96 -7.52
CA PRO B 2 23.94 2.47 -7.48
C PRO B 2 24.27 3.21 -6.19
N ARG B 3 25.56 3.29 -5.88
CA ARG B 3 26.00 4.01 -4.69
C ARG B 3 25.82 5.52 -4.84
N SER B 4 25.96 6.05 -6.05
CA SER B 4 25.71 7.47 -6.28
C SER B 4 25.15 7.64 -7.68
N VAL B 5 24.39 8.73 -7.85
CA VAL B 5 23.67 9.02 -9.09
C VAL B 5 23.72 10.53 -9.33
N ASP B 6 23.90 10.93 -10.58
CA ASP B 6 23.85 12.34 -10.96
C ASP B 6 23.34 12.40 -12.39
N TRP B 7 22.04 12.66 -12.54
CA TRP B 7 21.45 12.63 -13.86
C TRP B 7 21.90 13.79 -14.75
N ARG B 8 22.51 14.83 -14.19
CA ARG B 8 23.08 15.87 -15.04
C ARG B 8 24.14 15.28 -15.97
N GLU B 9 24.86 14.26 -15.51
CA GLU B 9 25.94 13.71 -16.32
C GLU B 9 25.43 12.81 -17.43
N LYS B 10 24.14 12.43 -17.41
CA LYS B 10 23.54 11.64 -18.47
C LYS B 10 22.65 12.46 -19.41
N GLY B 11 22.57 13.78 -19.21
CA GLY B 11 21.85 14.63 -20.14
C GLY B 11 20.38 14.86 -19.85
N TYR B 12 19.94 14.57 -18.62
CA TYR B 12 18.52 14.64 -18.24
C TYR B 12 18.09 16.01 -17.73
N VAL B 13 19.03 16.93 -17.47
CA VAL B 13 18.74 18.11 -16.65
C VAL B 13 19.14 19.38 -17.38
N THR B 14 18.21 20.33 -17.47
CA THR B 14 18.45 21.65 -18.03
C THR B 14 19.20 22.51 -17.01
N PRO B 15 19.76 23.65 -17.43
CA PRO B 15 20.40 24.55 -16.45
C PRO B 15 19.39 25.06 -15.43
N VAL B 16 19.93 25.61 -14.35
CA VAL B 16 19.12 26.18 -13.27
C VAL B 16 18.37 27.40 -13.76
N LYS B 17 17.10 27.51 -13.36
CA LYS B 17 16.23 28.61 -13.72
C LYS B 17 15.89 29.41 -12.47
N ASN B 18 15.09 30.46 -12.65
CA ASN B 18 14.83 31.37 -11.54
C ASN B 18 13.37 31.77 -11.61
N GLN B 19 12.58 31.30 -10.64
CA GLN B 19 11.15 31.59 -10.60
C GLN B 19 10.86 33.04 -10.29
N GLY B 20 11.84 33.80 -9.79
CA GLY B 20 11.60 35.20 -9.46
C GLY B 20 10.66 35.33 -8.26
N GLN B 21 10.00 36.49 -8.16
CA GLN B 21 9.03 36.74 -7.09
C GLN B 21 7.64 36.32 -7.55
N CYS B 22 7.52 35.01 -7.77
CA CYS B 22 6.28 34.35 -8.17
C CYS B 22 6.27 33.01 -7.45
N GLY B 23 5.14 32.64 -6.86
CA GLY B 23 5.06 31.39 -6.10
C GLY B 23 4.87 30.19 -7.01
N SER B 24 5.84 29.97 -7.88
CA SER B 24 5.70 29.00 -8.96
C SER B 24 6.74 27.88 -8.88
N CYS B 25 7.23 27.58 -7.67
CA CYS B 25 8.16 26.46 -7.50
C CYS B 25 7.59 25.17 -8.05
N TRP B 26 6.28 24.98 -7.89
CA TRP B 26 5.62 23.78 -8.39
C TRP B 26 5.77 23.63 -9.90
N ALA B 27 5.78 24.75 -10.63
CA ALA B 27 5.90 24.68 -12.08
C ALA B 27 7.32 24.29 -12.49
N PHE B 28 8.33 24.84 -11.79
CA PHE B 28 9.73 24.53 -12.09
C PHE B 28 10.07 23.09 -11.69
N SER B 29 9.56 22.65 -10.55
CA SER B 29 9.68 21.23 -10.20
C SER B 29 9.05 20.34 -11.27
N ALA B 30 7.86 20.72 -11.75
CA ALA B 30 7.17 19.89 -12.75
C ALA B 30 7.91 19.86 -14.08
N THR B 31 8.33 21.03 -14.60
CA THR B 31 9.06 21.00 -15.86
C THR B 31 10.38 20.25 -15.72
N GLY B 32 11.06 20.40 -14.59
CA GLY B 32 12.24 19.58 -14.32
C GLY B 32 11.99 18.09 -14.46
N ALA B 33 10.94 17.58 -13.80
CA ALA B 33 10.69 16.14 -13.88
C ALA B 33 10.27 15.74 -15.29
N LEU B 34 9.44 16.56 -15.94
CA LEU B 34 9.02 16.24 -17.30
C LEU B 34 10.18 16.33 -18.29
N GLU B 35 11.08 17.29 -18.07
CA GLU B 35 12.27 17.39 -18.92
C GLU B 35 13.09 16.11 -18.86
N GLY B 36 13.25 15.53 -17.67
CA GLY B 36 14.00 14.29 -17.53
C GLY B 36 13.29 13.11 -18.16
N GLN B 37 11.97 12.99 -17.96
CA GLN B 37 11.25 11.86 -18.57
C GLN B 37 11.15 12.00 -20.07
N MET B 38 10.99 13.22 -20.59
CA MET B 38 11.00 13.40 -22.03
C MET B 38 12.37 12.99 -22.60
N PHE B 39 13.46 13.34 -21.92
CA PHE B 39 14.76 12.91 -22.41
C PHE B 39 14.89 11.38 -22.35
N ARG B 40 14.41 10.78 -21.26
CA ARG B 40 14.46 9.34 -21.10
C ARG B 40 13.83 8.62 -22.30
N LYS B 41 12.71 9.14 -22.79
CA LYS B 41 11.91 8.45 -23.78
C LYS B 41 12.23 8.84 -25.21
N THR B 42 12.77 10.04 -25.43
CA THR B 42 13.05 10.52 -26.76
C THR B 42 14.53 10.81 -27.03
N GLY B 43 15.38 10.80 -26.00
CA GLY B 43 16.76 11.17 -26.23
C GLY B 43 16.99 12.64 -26.53
N ARG B 44 15.99 13.49 -26.34
CA ARG B 44 16.14 14.93 -26.53
C ARG B 44 15.84 15.67 -25.25
N LEU B 45 16.73 16.57 -24.87
CA LEU B 45 16.52 17.44 -23.71
C LEU B 45 16.04 18.78 -24.23
N ILE B 46 14.80 19.14 -23.91
CA ILE B 46 14.24 20.42 -24.34
C ILE B 46 13.62 21.13 -23.15
N SER B 47 14.12 22.34 -22.85
CA SER B 47 13.60 23.14 -21.74
C SER B 47 12.12 23.44 -21.96
N LEU B 48 11.30 23.29 -20.90
CA LEU B 48 9.85 23.40 -21.01
C LEU B 48 9.33 24.67 -20.33
N SER B 49 8.11 25.08 -20.69
CA SER B 49 7.58 26.40 -20.32
C SER B 49 6.87 26.33 -18.98
N GLU B 50 7.50 26.92 -17.95
CA GLU B 50 6.80 27.12 -16.68
C GLU B 50 5.65 28.10 -16.82
N GLN B 51 5.78 29.10 -17.71
CA GLN B 51 4.70 30.09 -17.88
C GLN B 51 3.44 29.41 -18.41
N ASN B 52 3.60 28.46 -19.32
CA ASN B 52 2.48 27.66 -19.80
C ASN B 52 1.70 27.05 -18.64
N LEU B 53 2.40 26.49 -17.67
CA LEU B 53 1.74 25.91 -16.51
C LEU B 53 1.12 27.00 -15.63
N VAL B 54 1.85 28.08 -15.41
CA VAL B 54 1.33 29.18 -14.59
C VAL B 54 0.03 29.72 -15.18
N ASP B 55 0.00 29.99 -16.44
CA ASP B 55 -1.12 30.58 -17.06
C ASP B 55 -2.33 29.66 -17.32
N CYS B 56 -2.04 28.40 -17.59
CA CYS B 56 -3.05 27.48 -18.17
C CYS B 56 -3.50 26.30 -17.28
N SER B 57 -2.82 25.95 -16.20
CA SER B 57 -3.16 24.72 -15.42
C SER B 57 -4.12 24.99 -14.27
N GLY B 58 -4.76 26.15 -14.23
CA GLY B 58 -5.80 26.37 -13.25
C GLY B 58 -6.89 25.32 -13.20
N PRO B 59 -7.39 24.86 -14.35
CA PRO B 59 -8.44 23.83 -14.30
C PRO B 59 -8.00 22.53 -13.62
N GLN B 60 -6.70 22.30 -13.48
CA GLN B 60 -6.19 21.14 -12.78
C GLN B 60 -5.95 21.40 -11.30
N GLY B 61 -6.16 22.65 -10.86
CA GLY B 61 -6.05 22.98 -9.46
C GLY B 61 -4.90 23.90 -9.14
N ASN B 62 -4.12 24.34 -10.11
CA ASN B 62 -3.03 25.25 -9.78
C ASN B 62 -3.53 26.69 -9.72
N GLU B 63 -2.75 27.53 -9.06
CA GLU B 63 -3.14 28.92 -8.81
C GLU B 63 -2.01 29.87 -9.15
N GLY B 64 -1.28 29.56 -10.23
CA GLY B 64 -0.34 30.52 -10.78
C GLY B 64 0.75 30.85 -9.79
N CYS B 65 0.92 32.15 -9.53
CA CYS B 65 1.95 32.58 -8.58
C CYS B 65 1.52 32.43 -7.14
N ASN B 66 0.29 31.98 -6.89
CA ASN B 66 -0.19 31.84 -5.53
C ASN B 66 -0.05 30.44 -4.99
N GLY B 67 0.36 29.48 -5.82
CA GLY B 67 0.65 28.15 -5.34
C GLY B 67 0.24 27.12 -6.37
N GLY B 68 0.58 25.86 -6.11
CA GLY B 68 0.24 24.80 -7.05
C GLY B 68 0.97 23.54 -6.63
N LEU B 69 0.75 22.49 -7.42
CA LEU B 69 1.38 21.21 -7.15
C LEU B 69 1.92 20.63 -8.45
N MET B 70 3.01 19.87 -8.33
CA MET B 70 3.59 19.25 -9.50
C MET B 70 2.62 18.26 -10.13
N ASP B 71 1.86 17.52 -9.31
CA ASP B 71 0.95 16.51 -9.85
C ASP B 71 -0.14 17.16 -10.70
N TYR B 72 -0.66 18.29 -10.24
CA TYR B 72 -1.63 19.05 -11.01
C TYR B 72 -1.05 19.47 -12.36
N ALA B 73 0.21 19.91 -12.37
CA ALA B 73 0.86 20.24 -13.64
C ALA B 73 1.02 18.99 -14.51
N PHE B 74 1.34 17.85 -13.92
CA PHE B 74 1.44 16.65 -14.75
C PHE B 74 0.07 16.29 -15.33
N GLN B 75 -0.98 16.47 -14.54
CA GLN B 75 -2.37 16.27 -15.00
C GLN B 75 -2.69 17.22 -16.16
N TYR B 76 -2.22 18.47 -16.08
CA TYR B 76 -2.48 19.43 -17.14
C TYR B 76 -1.91 18.95 -18.47
N VAL B 77 -0.65 18.52 -18.48
CA VAL B 77 -0.03 18.09 -19.72
C VAL B 77 -0.82 16.95 -20.34
N GLN B 78 -1.32 16.02 -19.51
CA GLN B 78 -2.14 14.93 -20.05
C GLN B 78 -3.48 15.45 -20.60
N ASP B 79 -4.21 16.26 -19.82
CA ASP B 79 -5.50 16.76 -20.30
C ASP B 79 -5.33 17.61 -21.55
N ASN B 80 -4.26 18.39 -21.61
CA ASN B 80 -4.03 19.37 -22.67
C ASN B 80 -3.50 18.74 -23.94
N GLY B 81 -2.95 17.54 -23.86
CA GLY B 81 -2.31 16.95 -25.02
C GLY B 81 -0.92 17.49 -25.30
N GLY B 82 -0.38 18.35 -24.44
CA GLY B 82 0.97 18.81 -24.68
C GLY B 82 1.39 19.93 -23.75
N LEU B 83 2.63 20.38 -23.95
CA LEU B 83 3.23 21.46 -23.19
C LEU B 83 4.25 22.15 -24.07
N ASP B 84 4.21 23.49 -24.09
CA ASP B 84 5.06 24.21 -25.01
C ASP B 84 6.48 24.26 -24.48
N SER B 85 7.42 24.49 -25.38
CA SER B 85 8.81 24.66 -25.00
C SER B 85 9.04 25.99 -24.30
N GLU B 86 10.13 26.04 -23.50
CA GLU B 86 10.56 27.27 -22.85
C GLU B 86 10.77 28.39 -23.86
N GLU B 87 11.46 28.08 -24.96
CA GLU B 87 11.74 29.08 -25.98
C GLU B 87 10.46 29.69 -26.56
N SER B 88 9.48 28.85 -26.89
CA SER B 88 8.25 29.34 -27.52
C SER B 88 7.33 30.09 -26.55
N TYR B 89 7.47 29.87 -25.26
CA TYR B 89 6.54 30.39 -24.24
C TYR B 89 7.39 30.77 -23.03
N PRO B 90 8.21 31.82 -23.15
CA PRO B 90 9.20 32.12 -22.11
C PRO B 90 8.56 32.64 -20.82
N TYR B 91 9.37 32.60 -19.76
CA TYR B 91 8.87 32.82 -18.41
C TYR B 91 8.73 34.31 -18.10
N GLU B 92 7.58 34.71 -17.54
CA GLU B 92 7.32 36.11 -17.21
C GLU B 92 7.28 36.41 -15.72
N ALA B 93 7.25 35.39 -14.85
CA ALA B 93 7.19 35.55 -13.39
C ALA B 93 5.91 36.26 -12.95
N THR B 94 4.85 36.17 -13.73
CA THR B 94 3.56 36.73 -13.35
C THR B 94 2.47 36.01 -14.14
N GLU B 95 1.29 35.89 -13.54
CA GLU B 95 0.23 35.11 -14.16
C GLU B 95 -0.48 35.92 -15.24
N GLU B 96 -0.59 35.34 -16.44
CA GLU B 96 -1.29 35.95 -17.56
C GLU B 96 -2.37 34.97 -18.05
N SER B 97 -3.10 35.39 -19.08
CA SER B 97 -4.03 34.46 -19.72
C SER B 97 -3.25 33.40 -20.48
N CYS B 98 -3.89 32.28 -20.66
CA CYS B 98 -3.29 31.11 -21.32
C CYS B 98 -2.99 31.38 -22.80
N LYS B 99 -1.75 31.20 -23.23
CA LYS B 99 -1.38 31.34 -24.64
C LYS B 99 -0.81 30.06 -25.21
N TYR B 100 -1.27 28.90 -24.71
CA TYR B 100 -0.79 27.61 -25.21
C TYR B 100 -1.07 27.44 -26.70
N ASN B 101 -0.07 26.96 -27.44
CA ASN B 101 -0.23 26.71 -28.86
C ASN B 101 0.28 25.30 -29.17
N PRO B 102 -0.58 24.37 -29.59
CA PRO B 102 -0.10 22.99 -29.78
C PRO B 102 1.01 22.88 -30.83
N LYS B 103 1.13 23.83 -31.75
CA LYS B 103 2.20 23.76 -32.76
C LYS B 103 3.58 23.73 -32.12
N TYR B 104 3.73 24.28 -30.90
CA TYR B 104 5.02 24.35 -30.24
C TYR B 104 5.13 23.38 -29.06
N SER B 105 4.22 22.43 -28.94
CA SER B 105 4.31 21.43 -27.89
C SER B 105 5.47 20.49 -28.17
N VAL B 106 6.28 20.23 -27.14
CA VAL B 106 7.39 19.30 -27.22
C VAL B 106 7.34 18.21 -26.16
N ALA B 107 6.31 18.20 -25.30
CA ALA B 107 6.23 17.25 -24.20
C ALA B 107 4.81 16.74 -24.04
N ASN B 108 4.68 15.56 -23.43
CA ASN B 108 3.40 14.89 -23.22
C ASN B 108 3.57 13.94 -22.04
N ASP B 109 2.45 13.55 -21.42
CA ASP B 109 2.51 12.47 -20.46
C ASP B 109 1.16 11.75 -20.42
N ALA B 110 1.14 10.60 -19.72
CA ALA B 110 -0.10 9.87 -19.52
C ALA B 110 -0.35 9.74 -18.02
N GLY B 111 -0.21 10.85 -17.31
CA GLY B 111 -0.47 10.89 -15.88
C GLY B 111 0.79 11.02 -15.07
N PHE B 112 0.80 10.45 -13.87
CA PHE B 112 1.93 10.65 -12.97
C PHE B 112 1.95 9.52 -11.95
N VAL B 113 3.09 9.41 -11.26
CA VAL B 113 3.33 8.38 -10.25
C VAL B 113 3.67 9.07 -8.94
N ASP B 114 2.95 8.74 -7.88
CA ASP B 114 3.28 9.17 -6.54
C ASP B 114 4.07 8.07 -5.84
N ILE B 115 5.31 8.37 -5.49
CA ILE B 115 6.22 7.39 -4.85
C ILE B 115 5.84 7.23 -3.38
N PRO B 116 5.86 6.01 -2.83
CA PRO B 116 5.55 5.83 -1.40
C PRO B 116 6.52 6.63 -0.53
N LYS B 117 6.07 6.93 0.69
CA LYS B 117 6.79 7.87 1.56
C LYS B 117 7.92 7.21 2.35
N GLN B 118 8.86 6.61 1.61
CA GLN B 118 10.07 6.04 2.19
C GLN B 118 11.27 6.53 1.40
N GLU B 119 12.30 7.00 2.11
CA GLU B 119 13.53 7.40 1.43
C GLU B 119 14.15 6.25 0.65
N LYS B 120 14.00 5.00 1.11
CA LYS B 120 14.45 3.87 0.29
C LYS B 120 13.72 3.85 -1.04
N ALA B 121 12.41 4.10 -1.01
CA ALA B 121 11.63 4.14 -2.24
C ALA B 121 12.06 5.30 -3.14
N LEU B 122 12.28 6.49 -2.55
CA LEU B 122 12.77 7.61 -3.34
C LEU B 122 14.12 7.28 -3.99
N MET B 123 15.02 6.66 -3.22
CA MET B 123 16.32 6.28 -3.78
C MET B 123 16.16 5.38 -5.01
N LYS B 124 15.31 4.35 -4.91
CA LYS B 124 15.12 3.46 -6.05
C LYS B 124 14.53 4.21 -7.23
N ALA B 125 13.58 5.12 -6.98
CA ALA B 125 13.03 5.92 -8.06
C ALA B 125 14.11 6.77 -8.73
N VAL B 126 14.90 7.50 -7.92
CA VAL B 126 15.95 8.32 -8.52
C VAL B 126 16.90 7.46 -9.33
N ALA B 127 17.24 6.26 -8.83
CA ALA B 127 18.20 5.39 -9.53
C ALA B 127 17.63 4.82 -10.82
N THR B 128 16.33 4.59 -10.87
CA THR B 128 15.77 3.86 -11.99
C THR B 128 14.94 4.72 -12.94
N VAL B 129 14.43 5.86 -12.49
CA VAL B 129 13.50 6.67 -13.29
C VAL B 129 14.19 7.89 -13.88
N GLY B 130 14.90 8.64 -13.05
CA GLY B 130 15.47 9.89 -13.48
C GLY B 130 15.14 10.93 -12.41
N PRO B 131 15.23 12.20 -12.78
CA PRO B 131 14.92 13.26 -11.80
C PRO B 131 13.49 13.16 -11.30
N ILE B 132 13.30 13.45 -10.01
CA ILE B 132 12.03 13.26 -9.32
C ILE B 132 11.59 14.59 -8.73
N SER B 133 10.32 14.97 -8.93
CA SER B 133 9.78 16.13 -8.23
C SER B 133 9.57 15.81 -6.75
N VAL B 134 9.95 16.75 -5.87
CA VAL B 134 9.74 16.58 -4.43
C VAL B 134 9.30 17.89 -3.81
N ALA B 135 8.68 17.79 -2.63
CA ALA B 135 8.35 18.95 -1.82
C ALA B 135 9.17 18.86 -0.53
N ILE B 136 9.70 19.99 -0.09
CA ILE B 136 10.51 20.04 1.12
C ILE B 136 10.08 21.20 2.01
N ASP B 137 10.39 21.06 3.30
CA ASP B 137 10.32 22.16 4.26
C ASP B 137 11.53 23.05 3.99
N ALA B 138 11.34 24.11 3.22
CA ALA B 138 12.37 25.11 3.04
C ALA B 138 12.14 26.32 3.94
N GLY B 139 11.31 26.17 4.97
CA GLY B 139 10.80 27.31 5.73
C GLY B 139 11.68 27.74 6.89
N HIS B 140 13.00 27.67 6.69
CA HIS B 140 13.98 28.10 7.68
C HIS B 140 14.99 28.98 6.98
N GLU B 141 15.49 30.01 7.67
CA GLU B 141 16.40 30.91 7.00
C GLU B 141 17.74 30.24 6.68
N SER B 142 18.09 29.16 7.38
CA SER B 142 19.27 28.38 7.01
C SER B 142 19.17 27.79 5.61
N PHE B 143 17.94 27.58 5.10
CA PHE B 143 17.80 27.17 3.72
C PHE B 143 17.91 28.38 2.78
N LEU B 144 17.25 29.48 3.14
CA LEU B 144 17.34 30.72 2.36
C LEU B 144 18.78 31.16 2.17
N PHE B 145 19.60 31.00 3.22
CA PHE B 145 21.00 31.41 3.25
C PHE B 145 21.95 30.28 2.91
N TYR B 146 21.45 29.11 2.54
CA TYR B 146 22.34 28.02 2.18
C TYR B 146 23.23 28.42 0.99
N LYS B 147 24.42 27.84 0.96
CA LYS B 147 25.47 28.21 0.02
C LYS B 147 26.31 26.98 -0.30
N GLU B 148 26.56 26.14 0.69
CA GLU B 148 27.40 24.97 0.52
C GLU B 148 27.19 24.04 1.71
N GLY B 149 27.53 22.77 1.52
CA GLY B 149 27.50 21.80 2.60
C GLY B 149 26.34 20.83 2.46
N ILE B 150 26.46 19.69 3.14
CA ILE B 150 25.32 18.79 3.26
C ILE B 150 24.33 19.45 4.22
N TYR B 151 23.18 19.87 3.69
CA TYR B 151 22.24 20.66 4.46
C TYR B 151 21.52 19.81 5.50
N PHE B 152 21.52 20.29 6.75
CA PHE B 152 20.71 19.73 7.82
C PHE B 152 20.17 20.87 8.66
N GLU B 153 18.87 20.84 8.90
CA GLU B 153 18.18 21.81 9.75
C GLU B 153 17.41 21.05 10.83
N PRO B 154 17.78 21.18 12.11
CA PRO B 154 17.14 20.35 13.13
C PRO B 154 15.67 20.65 13.33
N ASP B 155 15.23 21.88 13.09
CA ASP B 155 13.82 22.21 13.20
C ASP B 155 13.02 21.86 11.94
N CYS B 156 13.61 21.15 10.98
CA CYS B 156 12.94 20.87 9.72
C CYS B 156 11.82 19.85 9.92
N SER B 157 10.69 20.09 9.27
CA SER B 157 9.53 19.21 9.38
C SER B 157 9.56 18.15 8.29
N SER B 158 9.28 16.92 8.67
CA SER B 158 9.13 15.80 7.74
C SER B 158 7.73 15.67 7.20
N GLU B 159 6.80 16.49 7.68
CA GLU B 159 5.39 16.36 7.36
C GLU B 159 4.83 17.57 6.65
N ASP B 160 5.24 18.78 7.02
CA ASP B 160 4.71 20.01 6.45
C ASP B 160 5.78 20.63 5.55
N MET B 161 5.62 20.49 4.24
CA MET B 161 6.54 21.05 3.25
C MET B 161 5.90 22.25 2.56
N ASP B 162 6.75 23.16 2.07
CA ASP B 162 6.27 24.40 1.47
C ASP B 162 6.91 24.73 0.13
N HIS B 163 7.77 23.87 -0.42
CA HIS B 163 8.58 24.23 -1.56
C HIS B 163 8.79 23.01 -2.43
N GLY B 164 8.46 23.14 -3.72
CA GLY B 164 8.71 22.07 -4.68
C GLY B 164 10.02 22.27 -5.41
N VAL B 165 10.84 21.22 -5.40
CA VAL B 165 12.16 21.22 -6.04
C VAL B 165 12.36 19.89 -6.77
N LEU B 166 13.60 19.58 -7.17
CA LEU B 166 13.83 18.43 -8.04
C LEU B 166 15.07 17.68 -7.61
N VAL B 167 14.90 16.40 -7.29
CA VAL B 167 16.04 15.53 -6.95
C VAL B 167 16.64 15.00 -8.24
N VAL B 168 17.90 15.33 -8.50
CA VAL B 168 18.55 14.84 -9.71
C VAL B 168 19.59 13.77 -9.42
N GLY B 169 19.80 13.44 -8.16
CA GLY B 169 20.75 12.39 -7.83
C GLY B 169 20.87 12.21 -6.33
N TYR B 170 21.89 11.44 -5.95
CA TYR B 170 22.25 11.27 -4.54
C TYR B 170 23.68 10.78 -4.50
N GLY B 171 24.30 10.95 -3.35
CA GLY B 171 25.67 10.53 -3.18
C GLY B 171 26.03 10.41 -1.72
N PHE B 172 27.33 10.33 -1.47
CA PHE B 172 27.82 10.13 -0.12
C PHE B 172 28.99 11.07 0.17
N LYS B 181 25.82 10.97 3.45
CA LYS B 181 24.85 10.70 2.38
C LYS B 181 23.91 11.89 2.16
N TYR B 182 23.70 12.27 0.91
CA TYR B 182 22.87 13.43 0.58
C TYR B 182 22.03 13.18 -0.67
N TRP B 183 20.95 13.96 -0.79
CA TRP B 183 20.20 14.11 -2.03
C TRP B 183 20.72 15.33 -2.78
N LEU B 184 20.91 15.18 -4.09
CA LEU B 184 21.34 16.30 -4.92
C LEU B 184 20.10 16.97 -5.50
N VAL B 185 19.87 18.24 -5.12
CA VAL B 185 18.58 18.89 -5.32
C VAL B 185 18.74 20.16 -6.16
N LYS B 186 18.00 20.25 -7.25
CA LYS B 186 17.97 21.42 -8.11
C LYS B 186 16.88 22.37 -7.63
N ASN B 187 17.26 23.60 -7.25
CA ASN B 187 16.31 24.62 -6.85
C ASN B 187 15.97 25.51 -8.06
N SER B 188 14.97 26.39 -7.87
CA SER B 188 14.53 27.30 -8.94
C SER B 188 14.72 28.76 -8.53
N TRP B 189 15.80 29.04 -7.80
CA TRP B 189 16.11 30.38 -7.33
C TRP B 189 17.35 30.96 -8.03
N GLY B 190 17.63 30.50 -9.27
CA GLY B 190 18.81 30.95 -9.98
C GLY B 190 20.12 30.35 -9.49
N GLU B 191 21.20 30.54 -10.26
CA GLU B 191 22.43 29.82 -9.97
C GLU B 191 23.30 30.55 -8.95
N GLU B 192 22.88 31.73 -8.52
N GLU B 192 22.90 31.76 -8.55
CA GLU B 192 23.61 32.49 -7.52
CA GLU B 192 23.60 32.49 -7.50
C GLU B 192 23.22 32.08 -6.10
C GLU B 192 23.29 31.93 -6.13
N TRP B 193 22.07 31.43 -5.92
CA TRP B 193 21.72 30.82 -4.65
C TRP B 193 22.42 29.47 -4.49
N GLY B 194 22.75 29.13 -3.26
CA GLY B 194 23.30 27.81 -2.96
C GLY B 194 24.53 27.46 -3.76
N MET B 195 24.64 26.17 -4.12
CA MET B 195 25.80 25.66 -4.84
C MET B 195 25.49 25.68 -6.33
N GLY B 196 25.64 26.86 -6.93
CA GLY B 196 25.24 27.03 -8.32
C GLY B 196 23.76 26.74 -8.55
N GLY B 197 22.91 27.00 -7.55
CA GLY B 197 21.49 26.72 -7.65
C GLY B 197 21.06 25.37 -7.13
N TYR B 198 22.01 24.54 -6.70
CA TYR B 198 21.79 23.21 -6.14
C TYR B 198 22.03 23.23 -4.64
N VAL B 199 21.44 22.24 -3.96
CA VAL B 199 21.65 22.00 -2.54
C VAL B 199 21.78 20.51 -2.31
N LYS B 200 22.73 20.14 -1.45
CA LYS B 200 22.89 18.76 -1.02
C LYS B 200 22.11 18.60 0.28
N MET B 201 21.06 17.79 0.25
N MET B 201 21.03 17.84 0.25
CA MET B 201 20.17 17.64 1.38
CA MET B 201 20.16 17.68 1.41
C MET B 201 20.43 16.31 2.09
C MET B 201 20.41 16.34 2.08
N ALA B 202 20.50 16.36 3.41
CA ALA B 202 20.70 15.16 4.22
C ALA B 202 19.78 14.03 3.78
N LYS B 203 20.38 12.87 3.54
CA LYS B 203 19.68 11.69 3.03
C LYS B 203 19.76 10.56 4.06
N ASP B 204 18.63 9.89 4.26
CA ASP B 204 18.50 8.78 5.21
C ASP B 204 18.74 9.24 6.64
N ARG B 205 18.34 10.47 6.94
CA ARG B 205 18.33 11.01 8.29
C ARG B 205 16.88 11.32 8.66
N ARG B 206 16.06 10.27 8.77
CA ARG B 206 14.67 10.38 9.19
C ARG B 206 13.84 11.26 8.26
N ASN B 207 14.00 11.08 6.95
CA ASN B 207 13.17 11.79 5.97
C ASN B 207 13.28 13.30 6.18
N HIS B 208 14.52 13.77 6.21
CA HIS B 208 14.81 15.14 6.60
C HIS B 208 14.15 16.13 5.65
N CYS B 209 13.43 17.10 6.24
CA CYS B 209 12.67 18.15 5.57
C CYS B 209 11.54 17.60 4.70
N GLY B 210 11.17 16.33 4.87
CA GLY B 210 10.02 15.77 4.18
C GLY B 210 10.27 15.41 2.73
N ILE B 211 11.53 15.27 2.33
CA ILE B 211 11.89 15.13 0.92
C ILE B 211 11.25 13.90 0.27
N ALA B 212 10.96 12.86 1.05
CA ALA B 212 10.27 11.67 0.51
C ALA B 212 8.79 11.66 0.81
N SER B 213 8.25 12.74 1.40
CA SER B 213 6.85 12.75 1.76
C SER B 213 5.92 13.05 0.60
N ALA B 214 6.41 13.62 -0.50
CA ALA B 214 5.54 13.98 -1.62
C ALA B 214 6.33 13.96 -2.93
N ALA B 215 6.98 12.82 -3.20
CA ALA B 215 7.78 12.65 -4.40
C ALA B 215 6.91 12.09 -5.51
N SER B 216 7.09 12.60 -6.74
CA SER B 216 6.28 12.14 -7.87
C SER B 216 7.03 12.44 -9.17
N TYR B 217 6.49 11.92 -10.27
CA TYR B 217 7.08 12.15 -11.59
C TYR B 217 6.03 11.80 -12.65
N PRO B 218 6.13 12.38 -13.84
CA PRO B 218 5.11 12.14 -14.86
C PRO B 218 5.31 10.81 -15.55
N THR B 219 4.18 10.25 -16.01
CA THR B 219 4.16 8.97 -16.72
C THR B 219 4.44 9.25 -18.19
N VAL B 220 5.58 8.79 -18.70
CA VAL B 220 5.94 9.07 -20.08
C VAL B 220 6.36 7.78 -20.77
N ALA C 1 -7.39 -19.99 32.06
CA ALA C 1 -7.23 -18.82 31.20
C ALA C 1 -8.59 -18.34 30.70
N PRO C 2 -8.68 -17.07 30.30
CA PRO C 2 -9.94 -16.57 29.71
C PRO C 2 -10.29 -17.33 28.44
N ARG C 3 -11.57 -17.25 28.05
CA ARG C 3 -12.00 -17.92 26.84
C ARG C 3 -11.39 -17.27 25.61
N SER C 4 -11.26 -15.94 25.62
CA SER C 4 -10.69 -15.22 24.50
C SER C 4 -9.84 -14.08 25.03
N VAL C 5 -8.74 -13.79 24.35
CA VAL C 5 -7.85 -12.71 24.69
C VAL C 5 -7.54 -11.90 23.44
N ASP C 6 -7.45 -10.58 23.60
CA ASP C 6 -7.03 -9.70 22.50
C ASP C 6 -6.32 -8.51 23.14
N TRP C 7 -4.99 -8.63 23.24
CA TRP C 7 -4.21 -7.59 23.88
C TRP C 7 -4.31 -6.26 23.16
N ARG C 8 -4.80 -6.24 21.92
CA ARG C 8 -4.99 -4.97 21.22
C ARG C 8 -5.99 -4.09 21.95
N GLU C 9 -7.02 -4.70 22.53
CA GLU C 9 -8.06 -3.97 23.23
C GLU C 9 -7.60 -3.36 24.55
N LYS C 10 -6.42 -3.73 25.03
CA LYS C 10 -5.90 -3.24 26.29
C LYS C 10 -4.71 -2.30 26.12
N GLY C 11 -4.36 -1.94 24.89
CA GLY C 11 -3.32 -0.96 24.64
C GLY C 11 -1.92 -1.49 24.49
N TYR C 12 -1.74 -2.80 24.33
CA TYR C 12 -0.44 -3.44 24.32
C TYR C 12 0.26 -3.44 22.96
N VAL C 13 -0.45 -3.15 21.87
CA VAL C 13 -0.01 -3.53 20.52
C VAL C 13 0.01 -2.30 19.62
N THR C 14 1.14 -2.08 18.94
CA THR C 14 1.26 -0.99 17.99
C THR C 14 0.58 -1.36 16.68
N PRO C 15 0.43 -0.41 15.76
CA PRO C 15 -0.09 -0.75 14.43
C PRO C 15 0.82 -1.73 13.69
N VAL C 16 0.25 -2.33 12.64
CA VAL C 16 1.01 -3.26 11.81
C VAL C 16 2.07 -2.50 11.05
N LYS C 17 3.25 -3.07 10.96
CA LYS C 17 4.40 -2.50 10.31
C LYS C 17 4.74 -3.34 9.08
N ASN C 18 5.71 -2.89 8.30
CA ASN C 18 6.08 -3.60 7.07
C ASN C 18 7.60 -3.74 7.00
N GLN C 19 8.09 -4.98 7.09
CA GLN C 19 9.52 -5.23 7.01
C GLN C 19 10.08 -5.05 5.59
N GLY C 20 9.23 -4.95 4.58
CA GLY C 20 9.67 -4.76 3.22
C GLY C 20 10.54 -5.91 2.74
N GLN C 21 11.51 -5.57 1.90
CA GLN C 21 12.41 -6.56 1.30
C GLN C 21 13.68 -6.60 2.16
N CYS C 22 13.56 -7.27 3.29
CA CYS C 22 14.65 -7.45 4.25
C CYS C 22 14.19 -8.57 5.19
N GLY C 23 15.02 -9.60 5.34
CA GLY C 23 14.66 -10.73 6.17
C GLY C 23 14.79 -10.38 7.64
N SER C 24 13.97 -9.44 8.10
CA SER C 24 14.07 -8.90 9.44
C SER C 24 12.85 -9.22 10.29
N CYS C 25 12.12 -10.30 9.95
CA CYS C 25 10.91 -10.65 10.69
C CYS C 25 11.20 -10.81 12.17
N TRP C 26 12.36 -11.38 12.48
CA TRP C 26 12.77 -11.60 13.86
C TRP C 26 12.80 -10.30 14.65
N ALA C 27 13.16 -9.19 13.97
CA ALA C 27 13.26 -7.90 14.65
C ALA C 27 11.89 -7.30 14.91
N PHE C 28 10.94 -7.50 13.98
CA PHE C 28 9.58 -7.01 14.18
C PHE C 28 8.84 -7.83 15.24
N SER C 29 9.08 -9.15 15.26
CA SER C 29 8.53 -9.98 16.33
C SER C 29 9.05 -9.54 17.68
N ALA C 30 10.34 -9.24 17.75
CA ALA C 30 10.94 -8.86 19.03
C ALA C 30 10.45 -7.50 19.51
N THR C 31 10.38 -6.50 18.61
CA THR C 31 9.87 -5.21 19.06
C THR C 31 8.40 -5.33 19.46
N GLY C 32 7.64 -6.17 18.75
CA GLY C 32 6.27 -6.40 19.16
C GLY C 32 6.16 -6.90 20.58
N ALA C 33 6.96 -7.91 20.94
CA ALA C 33 6.87 -8.47 22.28
C ALA C 33 7.38 -7.48 23.30
N LEU C 34 8.46 -6.77 22.97
CA LEU C 34 8.99 -5.79 23.90
C LEU C 34 8.07 -4.58 24.04
N GLU C 35 7.36 -4.19 22.96
CA GLU C 35 6.34 -3.14 23.08
C GLU C 35 5.25 -3.52 24.07
N GLY C 36 4.82 -4.77 24.04
CA GLY C 36 3.79 -5.21 24.98
C GLY C 36 4.28 -5.26 26.41
N GLN C 37 5.51 -5.74 26.62
CA GLN C 37 6.02 -5.84 27.99
C GLN C 37 6.35 -4.47 28.54
N MET C 38 6.85 -3.57 27.70
CA MET C 38 7.09 -2.19 28.13
C MET C 38 5.78 -1.51 28.52
N PHE C 39 4.71 -1.74 27.75
CA PHE C 39 3.41 -1.19 28.12
C PHE C 39 2.93 -1.78 29.44
N ARG C 40 3.04 -3.10 29.58
CA ARG C 40 2.68 -3.76 30.84
C ARG C 40 3.39 -3.14 32.03
N LYS C 41 4.65 -2.77 31.86
CA LYS C 41 5.44 -2.26 32.96
C LYS C 41 5.16 -0.78 33.25
N THR C 42 4.93 0.03 32.21
CA THR C 42 4.88 1.47 32.34
C THR C 42 3.53 2.08 32.08
N GLY C 43 2.67 1.44 31.30
CA GLY C 43 1.48 2.09 30.81
C GLY C 43 1.71 2.97 29.61
N ARG C 44 2.89 2.95 29.03
CA ARG C 44 3.23 3.72 27.84
C ARG C 44 3.48 2.76 26.70
N LEU C 45 2.74 2.92 25.61
CA LEU C 45 2.95 2.18 24.37
C LEU C 45 3.79 3.04 23.44
N ILE C 46 5.04 2.64 23.22
CA ILE C 46 5.95 3.35 22.34
C ILE C 46 6.48 2.37 21.30
N SER C 47 6.30 2.73 20.03
CA SER C 47 6.86 1.96 18.92
C SER C 47 8.38 1.93 19.01
N LEU C 48 8.95 0.74 18.83
CA LEU C 48 10.37 0.46 19.03
C LEU C 48 11.07 0.22 17.71
N SER C 49 12.40 0.42 17.71
CA SER C 49 13.20 0.51 16.49
C SER C 49 13.67 -0.87 16.04
N GLU C 50 13.07 -1.39 14.96
CA GLU C 50 13.61 -2.60 14.32
C GLU C 50 14.99 -2.33 13.73
N GLN C 51 15.20 -1.14 13.15
CA GLN C 51 16.49 -0.85 12.53
C GLN C 51 17.61 -0.88 13.57
N ASN C 52 17.31 -0.45 14.80
CA ASN C 52 18.24 -0.59 15.92
C ASN C 52 18.68 -2.05 16.06
N LEU C 53 17.71 -2.99 16.03
CA LEU C 53 18.04 -4.41 16.12
C LEU C 53 18.81 -4.88 14.90
N VAL C 54 18.42 -4.40 13.71
CA VAL C 54 19.04 -4.88 12.48
C VAL C 54 20.51 -4.47 12.42
N ASP C 55 20.81 -3.21 12.80
CA ASP C 55 22.15 -2.67 12.68
C ASP C 55 23.08 -3.04 13.83
N CYS C 56 22.54 -3.41 15.00
CA CYS C 56 23.34 -3.42 16.23
C CYS C 56 23.44 -4.76 16.94
N SER C 57 22.55 -5.73 16.68
CA SER C 57 22.53 -6.96 17.47
C SER C 57 23.35 -8.08 16.83
N GLY C 58 24.28 -7.74 15.94
CA GLY C 58 25.22 -8.70 15.39
C GLY C 58 25.99 -9.47 16.45
N PRO C 59 26.56 -8.79 17.45
CA PRO C 59 27.31 -9.53 18.49
C PRO C 59 26.48 -10.59 19.22
N GLN C 60 25.15 -10.46 19.24
CA GLN C 60 24.32 -11.48 19.87
C GLN C 60 23.99 -12.64 18.95
N GLY C 61 24.43 -12.61 17.69
CA GLY C 61 24.18 -13.69 16.75
C GLY C 61 23.18 -13.35 15.65
N ASN C 62 22.64 -12.15 15.61
CA ASN C 62 21.70 -11.82 14.56
C ASN C 62 22.45 -11.37 13.31
N GLU C 63 21.76 -11.44 12.17
CA GLU C 63 22.43 -11.17 10.91
C GLU C 63 21.62 -10.21 10.04
N GLY C 64 21.02 -9.19 10.66
CA GLY C 64 20.41 -8.11 9.90
C GLY C 64 19.30 -8.63 9.03
N CYS C 65 19.37 -8.28 7.73
CA CYS C 65 18.38 -8.73 6.76
C CYS C 65 18.59 -10.19 6.35
N ASN C 66 19.68 -10.82 6.76
CA ASN C 66 19.94 -12.23 6.44
C ASN C 66 19.36 -13.18 7.47
N GLY C 67 18.73 -12.68 8.52
CA GLY C 67 18.06 -13.52 9.48
C GLY C 67 18.50 -13.23 10.89
N GLY C 68 17.81 -13.87 11.83
CA GLY C 68 18.08 -13.64 13.24
C GLY C 68 17.04 -14.35 14.09
N LEU C 69 17.15 -14.11 15.39
CA LEU C 69 16.26 -14.72 16.38
C LEU C 69 15.78 -13.66 17.36
N MET C 70 14.50 -13.75 17.73
CA MET C 70 13.92 -12.83 18.70
C MET C 70 14.68 -12.88 20.02
N ASP C 71 15.05 -14.10 20.46
CA ASP C 71 15.80 -14.22 21.71
C ASP C 71 17.12 -13.47 21.64
N TYR C 72 17.83 -13.57 20.50
CA TYR C 72 19.06 -12.80 20.32
C TYR C 72 18.79 -11.30 20.40
N ALA C 73 17.65 -10.84 19.86
CA ALA C 73 17.30 -9.42 20.00
C ALA C 73 17.03 -9.05 21.45
N PHE C 74 16.33 -9.92 22.20
CA PHE C 74 16.13 -9.64 23.62
C PHE C 74 17.46 -9.64 24.38
N GLN C 75 18.37 -10.52 24.00
CA GLN C 75 19.71 -10.50 24.62
C GLN C 75 20.43 -9.20 24.31
N TYR C 76 20.28 -8.70 23.08
CA TYR C 76 20.93 -7.44 22.73
C TYR C 76 20.44 -6.30 23.61
N VAL C 77 19.12 -6.18 23.78
CA VAL C 77 18.58 -5.08 24.57
C VAL C 77 19.13 -5.11 25.99
N GLN C 78 19.24 -6.31 26.57
CA GLN C 78 19.84 -6.44 27.90
C GLN C 78 21.31 -6.05 27.88
N ASP C 79 22.09 -6.62 26.94
CA ASP C 79 23.51 -6.30 26.87
C ASP C 79 23.73 -4.81 26.65
N ASN C 80 22.91 -4.21 25.80
CA ASN C 80 23.05 -2.83 25.38
C ASN C 80 22.57 -1.84 26.44
N GLY C 81 21.76 -2.29 27.39
CA GLY C 81 21.14 -1.38 28.32
C GLY C 81 20.07 -0.47 27.72
N GLY C 82 19.49 -0.84 26.59
CA GLY C 82 18.43 -0.02 26.06
C GLY C 82 18.16 -0.30 24.59
N LEU C 83 17.12 0.38 24.09
CA LEU C 83 16.69 0.26 22.71
C LEU C 83 16.00 1.54 22.31
N ASP C 84 16.33 2.07 21.14
CA ASP C 84 15.75 3.34 20.72
C ASP C 84 14.33 3.17 20.19
N SER C 85 13.59 4.27 20.23
CA SER C 85 12.24 4.31 19.70
C SER C 85 12.26 4.22 18.18
N GLU C 86 11.17 3.71 17.63
CA GLU C 86 10.96 3.71 16.19
C GLU C 86 11.12 5.11 15.62
N GLU C 87 10.51 6.10 16.26
CA GLU C 87 10.55 7.47 15.77
C GLU C 87 11.97 8.00 15.69
N SER C 88 12.79 7.75 16.71
CA SER C 88 14.14 8.27 16.73
C SER C 88 15.08 7.50 15.81
N TYR C 89 14.74 6.26 15.46
CA TYR C 89 15.63 5.39 14.69
C TYR C 89 14.75 4.60 13.72
N PRO C 90 14.25 5.27 12.67
CA PRO C 90 13.21 4.66 11.83
C PRO C 90 13.76 3.62 10.86
N TYR C 91 12.84 2.84 10.31
CA TYR C 91 13.17 1.61 9.62
C TYR C 91 13.53 1.87 8.16
N GLU C 92 14.67 1.31 7.72
CA GLU C 92 15.16 1.50 6.38
C GLU C 92 15.21 0.23 5.54
N ALA C 93 14.85 -0.93 6.11
CA ALA C 93 14.80 -2.20 5.37
C ALA C 93 16.14 -2.57 4.74
N THR C 94 17.24 -2.16 5.36
CA THR C 94 18.57 -2.52 4.89
C THR C 94 19.55 -2.35 6.05
N GLU C 95 20.58 -3.19 6.08
CA GLU C 95 21.50 -3.21 7.20
C GLU C 95 22.57 -2.13 7.04
N GLU C 96 22.83 -1.40 8.12
CA GLU C 96 23.87 -0.39 8.15
C GLU C 96 24.60 -0.48 9.48
N SER C 97 25.54 0.44 9.69
CA SER C 97 26.24 0.48 10.95
C SER C 97 25.28 0.87 12.07
N CYS C 98 25.61 0.45 13.29
N CYS C 98 25.63 0.46 13.29
CA CYS C 98 24.81 0.74 14.45
CA CYS C 98 24.82 0.75 14.45
C CYS C 98 24.83 2.24 14.77
C CYS C 98 24.83 2.25 14.75
N LYS C 99 23.64 2.82 14.95
CA LYS C 99 23.51 4.24 15.28
C LYS C 99 22.76 4.44 16.59
N TYR C 100 22.79 3.44 17.48
CA TYR C 100 22.14 3.53 18.78
C TYR C 100 22.58 4.77 19.55
N ASN C 101 21.61 5.49 20.11
CA ASN C 101 21.90 6.63 20.98
C ASN C 101 21.20 6.37 22.31
N PRO C 102 21.92 6.21 23.42
CA PRO C 102 21.25 5.95 24.70
C PRO C 102 20.28 7.04 25.10
N LYS C 103 20.47 8.28 24.61
CA LYS C 103 19.56 9.37 24.96
C LYS C 103 18.15 9.15 24.42
N TYR C 104 17.99 8.33 23.39
CA TYR C 104 16.68 8.06 22.81
C TYR C 104 16.19 6.65 23.11
N SER C 105 16.78 6.00 24.11
CA SER C 105 16.29 4.69 24.54
C SER C 105 14.98 4.84 25.28
N VAL C 106 14.00 4.01 24.91
CA VAL C 106 12.70 3.99 25.57
C VAL C 106 12.34 2.62 26.11
N ALA C 107 13.24 1.63 25.98
CA ALA C 107 12.94 0.26 26.37
C ALA C 107 14.18 -0.38 26.96
N ASN C 108 13.97 -1.35 27.85
CA ASN C 108 15.03 -2.21 28.34
C ASN C 108 14.42 -3.57 28.65
N ASP C 109 15.28 -4.58 28.78
CA ASP C 109 14.84 -5.84 29.36
C ASP C 109 15.97 -6.44 30.17
N ALA C 110 15.60 -7.41 31.01
CA ALA C 110 16.52 -8.08 31.92
C ALA C 110 16.70 -9.55 31.55
N GLY C 111 16.64 -9.86 30.27
CA GLY C 111 16.64 -11.23 29.79
C GLY C 111 15.34 -11.59 29.08
N PHE C 112 15.07 -12.88 28.95
CA PHE C 112 13.90 -13.35 28.22
C PHE C 112 13.52 -14.73 28.75
N VAL C 113 12.32 -15.15 28.39
CA VAL C 113 11.73 -16.39 28.88
C VAL C 113 11.28 -17.20 27.68
N ASP C 114 11.77 -18.43 27.56
CA ASP C 114 11.29 -19.36 26.54
C ASP C 114 10.19 -20.24 27.14
N ILE C 115 9.04 -20.27 26.47
CA ILE C 115 7.87 -21.00 26.95
C ILE C 115 8.00 -22.48 26.55
N PRO C 116 7.54 -23.43 27.39
CA PRO C 116 7.56 -24.84 26.98
C PRO C 116 6.80 -25.03 25.68
N LYS C 117 7.26 -26.01 24.90
CA LYS C 117 6.81 -26.21 23.52
C LYS C 117 5.46 -26.96 23.46
N GLN C 118 4.45 -26.37 24.08
CA GLN C 118 3.09 -26.89 23.97
C GLN C 118 2.10 -25.74 23.96
N GLU C 119 0.99 -25.94 23.25
CA GLU C 119 0.01 -24.88 23.08
C GLU C 119 -0.70 -24.55 24.39
N LYS C 120 -0.75 -25.50 25.33
N LYS C 120 -0.78 -25.51 25.31
CA LYS C 120 -1.35 -25.21 26.63
CA LYS C 120 -1.33 -25.22 26.63
C LYS C 120 -0.52 -24.19 27.40
C LYS C 120 -0.52 -24.15 27.33
N ALA C 121 0.81 -24.26 27.28
CA ALA C 121 1.67 -23.27 27.92
C ALA C 121 1.62 -21.93 27.20
N LEU C 122 1.59 -21.97 25.86
CA LEU C 122 1.48 -20.74 25.09
C LEU C 122 0.21 -19.98 25.44
N MET C 123 -0.90 -20.70 25.63
N MET C 123 -0.90 -20.70 25.63
CA MET C 123 -2.16 -20.07 26.01
CA MET C 123 -2.14 -20.00 26.00
C MET C 123 -2.06 -19.43 27.39
C MET C 123 -2.03 -19.39 27.39
N LYS C 124 -1.50 -20.16 28.35
CA LYS C 124 -1.24 -19.57 29.67
C LYS C 124 -0.38 -18.32 29.55
N ALA C 125 0.67 -18.37 28.72
CA ALA C 125 1.55 -17.21 28.54
C ALA C 125 0.79 -16.03 27.95
N VAL C 126 0.09 -16.25 26.84
CA VAL C 126 -0.68 -15.17 26.21
C VAL C 126 -1.67 -14.58 27.21
N ALA C 127 -2.31 -15.43 28.01
CA ALA C 127 -3.32 -14.94 28.95
C ALA C 127 -2.70 -14.08 30.05
N THR C 128 -1.55 -14.48 30.59
CA THR C 128 -1.01 -13.85 31.79
C THR C 128 0.11 -12.87 31.54
N VAL C 129 0.79 -12.94 30.40
CA VAL C 129 1.95 -12.09 30.14
C VAL C 129 1.61 -10.94 29.20
N GLY C 130 1.06 -11.25 28.03
CA GLY C 130 0.85 -10.29 26.99
C GLY C 130 1.23 -10.91 25.66
N PRO C 131 1.47 -10.09 24.64
CA PRO C 131 1.84 -10.64 23.33
C PRO C 131 3.14 -11.41 23.39
N ILE C 132 3.19 -12.51 22.64
CA ILE C 132 4.25 -13.50 22.74
C ILE C 132 4.91 -13.65 21.37
N SER C 133 6.24 -13.53 21.34
CA SER C 133 7.02 -13.79 20.14
C SER C 133 6.96 -15.28 19.81
N VAL C 134 6.67 -15.62 18.55
CA VAL C 134 6.65 -17.01 18.11
C VAL C 134 7.29 -17.09 16.73
N ALA C 135 7.72 -18.29 16.38
CA ALA C 135 8.14 -18.63 15.03
C ALA C 135 7.17 -19.65 14.45
N ILE C 136 6.87 -19.52 13.16
CA ILE C 136 5.92 -20.40 12.49
C ILE C 136 6.49 -20.88 11.16
N ASP C 137 5.92 -21.98 10.67
CA ASP C 137 6.19 -22.42 9.31
C ASP C 137 5.33 -21.57 8.38
N ALA C 138 5.94 -20.60 7.70
CA ALA C 138 5.26 -19.75 6.75
C ALA C 138 5.71 -19.99 5.31
N GLY C 139 6.47 -21.06 5.06
CA GLY C 139 7.13 -21.24 3.77
C GLY C 139 6.28 -21.88 2.69
N HIS C 140 4.97 -21.59 2.72
CA HIS C 140 3.99 -22.14 1.79
C HIS C 140 3.25 -20.99 1.13
N GLU C 141 2.86 -21.18 -0.14
CA GLU C 141 2.20 -20.07 -0.83
C GLU C 141 0.82 -19.77 -0.24
N SER C 142 0.19 -20.74 0.43
CA SER C 142 -1.10 -20.48 1.05
C SER C 142 -0.99 -19.42 2.15
N PHE C 143 0.12 -19.42 2.87
CA PHE C 143 0.31 -18.34 3.84
C PHE C 143 0.55 -17.02 3.12
N LEU C 144 1.23 -17.05 1.97
CA LEU C 144 1.47 -15.81 1.23
C LEU C 144 0.17 -15.18 0.77
N PHE C 145 -0.77 -16.00 0.28
CA PHE C 145 -2.03 -15.53 -0.28
C PHE C 145 -3.12 -15.43 0.76
N TYR C 146 -2.81 -15.57 2.04
CA TYR C 146 -3.83 -15.49 3.08
C TYR C 146 -4.50 -14.11 3.08
N LYS C 147 -5.82 -14.12 3.23
CA LYS C 147 -6.67 -12.95 3.27
C LYS C 147 -7.65 -12.97 4.42
N GLU C 148 -8.24 -14.12 4.72
CA GLU C 148 -9.32 -14.22 5.72
C GLU C 148 -9.48 -15.68 6.10
N GLY C 149 -10.05 -15.90 7.30
CA GLY C 149 -10.35 -17.23 7.76
C GLY C 149 -9.37 -17.71 8.81
N ILE C 150 -9.58 -18.96 9.23
CA ILE C 150 -8.71 -19.64 10.18
C ILE C 150 -7.77 -20.53 9.38
N TYR C 151 -6.50 -20.13 9.33
CA TYR C 151 -5.53 -20.72 8.42
C TYR C 151 -5.16 -22.14 8.84
N PHE C 152 -4.72 -22.97 7.88
CA PHE C 152 -4.32 -24.37 8.16
C PHE C 152 -3.12 -24.87 7.37
N GLU C 153 -3.20 -25.10 6.06
CA GLU C 153 -2.08 -25.55 5.24
C GLU C 153 -1.59 -26.95 5.61
N PRO C 154 -1.96 -27.97 4.83
CA PRO C 154 -1.62 -29.36 5.20
C PRO C 154 -0.15 -29.63 5.45
N ASP C 155 0.72 -29.10 4.60
CA ASP C 155 2.17 -29.33 4.61
C ASP C 155 2.89 -28.68 5.81
N CYS C 156 2.18 -28.02 6.72
CA CYS C 156 2.82 -27.14 7.68
C CYS C 156 3.55 -27.91 8.78
N SER C 157 4.86 -27.67 8.88
CA SER C 157 5.70 -28.35 9.86
C SER C 157 5.53 -27.76 11.25
N SER C 158 5.60 -28.62 12.26
CA SER C 158 5.63 -28.21 13.66
C SER C 158 7.05 -28.05 14.19
N GLU C 159 8.06 -28.33 13.36
CA GLU C 159 9.45 -28.37 13.79
C GLU C 159 10.37 -27.48 12.96
N ASP C 160 10.00 -27.14 11.75
CA ASP C 160 10.83 -26.33 10.86
C ASP C 160 10.09 -25.02 10.57
N MET C 161 10.42 -23.98 11.33
CA MET C 161 9.78 -22.68 11.22
C MET C 161 10.73 -21.71 10.53
N ASP C 162 10.16 -20.71 9.83
CA ASP C 162 10.99 -19.78 9.08
C ASP C 162 10.54 -18.33 9.23
N HIS C 163 9.59 -18.03 10.10
CA HIS C 163 9.01 -16.70 10.17
C HIS C 163 8.71 -16.34 11.61
N GLY C 164 9.29 -15.24 12.09
CA GLY C 164 8.98 -14.73 13.42
C GLY C 164 7.82 -13.77 13.35
N VAL C 165 6.80 -14.02 14.18
CA VAL C 165 5.60 -13.18 14.28
C VAL C 165 5.19 -13.06 15.74
N LEU C 166 3.99 -12.52 15.98
CA LEU C 166 3.59 -12.13 17.33
C LEU C 166 2.17 -12.56 17.59
N VAL C 167 1.97 -13.39 18.62
CA VAL C 167 0.63 -13.77 19.07
C VAL C 167 0.14 -12.68 20.02
N VAL C 168 -0.96 -12.02 19.66
CA VAL C 168 -1.51 -10.97 20.51
C VAL C 168 -2.78 -11.42 21.21
N GLY C 169 -3.16 -12.68 21.07
CA GLY C 169 -4.35 -13.17 21.72
C GLY C 169 -4.82 -14.46 21.08
N TYR C 170 -6.02 -14.85 21.47
CA TYR C 170 -6.64 -16.07 20.98
C TYR C 170 -8.14 -15.96 21.21
N GLY C 171 -8.88 -16.83 20.54
CA GLY C 171 -10.32 -16.83 20.67
C GLY C 171 -10.92 -18.04 19.99
N PHE C 172 -12.23 -17.99 19.83
CA PHE C 172 -12.95 -19.11 19.23
C PHE C 172 -13.88 -18.64 18.12
N LYS C 181 -11.52 -21.86 17.25
CA LYS C 181 -10.31 -21.85 18.08
C LYS C 181 -9.07 -21.42 17.27
N TYR C 182 -8.55 -20.22 17.54
CA TYR C 182 -7.47 -19.68 16.73
C TYR C 182 -6.52 -18.86 17.60
N TRP C 183 -5.28 -18.73 17.11
CA TRP C 183 -4.34 -17.74 17.63
C TRP C 183 -4.45 -16.47 16.78
N LEU C 184 -4.55 -15.32 17.45
CA LEU C 184 -4.52 -14.03 16.75
C LEU C 184 -3.08 -13.57 16.57
N VAL C 185 -2.60 -13.52 15.33
CA VAL C 185 -1.19 -13.34 15.03
C VAL C 185 -1.01 -12.05 14.24
N LYS C 186 -0.13 -11.18 14.73
CA LYS C 186 0.29 -9.98 14.02
C LYS C 186 1.48 -10.31 13.14
N ASN C 187 1.37 -10.04 11.84
CA ASN C 187 2.46 -10.19 10.90
C ASN C 187 3.18 -8.85 10.72
N SER C 188 4.27 -8.86 9.97
CA SER C 188 5.03 -7.65 9.67
C SER C 188 5.09 -7.40 8.17
N TRP C 189 4.00 -7.68 7.47
CA TRP C 189 3.95 -7.55 6.02
C TRP C 189 3.04 -6.42 5.56
N GLY C 190 2.73 -5.47 6.45
CA GLY C 190 1.85 -4.36 6.10
C GLY C 190 0.38 -4.68 6.26
N GLU C 191 -0.43 -3.62 6.12
CA GLU C 191 -1.87 -3.72 6.32
C GLU C 191 -2.58 -4.43 5.18
N GLU C 192 -2.00 -4.39 3.97
CA GLU C 192 -2.65 -4.99 2.83
C GLU C 192 -2.68 -6.51 2.94
N TRP C 193 -1.69 -7.10 3.61
CA TRP C 193 -1.65 -8.55 3.73
C TRP C 193 -2.69 -9.04 4.72
N GLY C 194 -3.31 -10.18 4.39
CA GLY C 194 -4.21 -10.84 5.31
C GLY C 194 -5.36 -9.98 5.78
N MET C 195 -5.62 -10.05 7.09
CA MET C 195 -6.78 -9.40 7.72
C MET C 195 -6.27 -8.15 8.43
N GLY C 196 -6.15 -7.08 7.66
CA GLY C 196 -5.50 -5.90 8.19
C GLY C 196 -4.10 -6.19 8.70
N GLY C 197 -3.38 -7.14 8.09
CA GLY C 197 -2.05 -7.50 8.55
C GLY C 197 -2.01 -8.58 9.61
N TYR C 198 -3.16 -9.05 10.07
CA TYR C 198 -3.29 -10.13 11.03
C TYR C 198 -3.67 -11.43 10.34
N VAL C 199 -3.45 -12.53 11.04
CA VAL C 199 -3.87 -13.85 10.57
C VAL C 199 -4.35 -14.67 11.76
N LYS C 200 -5.49 -15.35 11.60
CA LYS C 200 -5.96 -16.30 12.60
C LYS C 200 -5.37 -17.67 12.26
N MET C 201 -4.48 -18.17 13.13
N MET C 201 -4.51 -18.18 13.14
CA MET C 201 -3.85 -19.46 12.93
CA MET C 201 -3.86 -19.46 12.92
C MET C 201 -4.57 -20.51 13.78
C MET C 201 -4.51 -20.52 13.80
N ALA C 202 -4.66 -21.73 13.24
CA ALA C 202 -5.35 -22.80 13.94
C ALA C 202 -4.73 -23.07 15.30
N LYS C 203 -5.56 -23.02 16.34
CA LYS C 203 -5.14 -23.20 17.72
C LYS C 203 -5.65 -24.52 18.26
N ASP C 204 -4.82 -25.15 19.10
CA ASP C 204 -5.14 -26.44 19.72
C ASP C 204 -5.40 -27.51 18.66
N ARG C 205 -4.61 -27.46 17.58
CA ARG C 205 -4.71 -28.42 16.49
C ARG C 205 -3.32 -29.05 16.27
N ARG C 206 -2.80 -29.65 17.36
CA ARG C 206 -1.51 -30.35 17.36
C ARG C 206 -0.36 -29.41 16.96
N ASN C 207 -0.24 -28.30 17.67
CA ASN C 207 0.87 -27.35 17.49
C ASN C 207 1.06 -26.98 16.02
N HIS C 208 0.01 -26.43 15.45
CA HIS C 208 -0.05 -26.28 14.01
C HIS C 208 0.90 -25.19 13.52
N CYS C 209 1.70 -25.54 12.50
CA CYS C 209 2.70 -24.69 11.87
C CYS C 209 3.86 -24.34 12.80
N GLY C 210 3.92 -24.94 13.98
CA GLY C 210 5.02 -24.77 14.89
C GLY C 210 4.92 -23.55 15.78
N ILE C 211 3.72 -23.04 16.01
CA ILE C 211 3.55 -21.76 16.69
C ILE C 211 3.96 -21.81 18.16
N ALA C 212 3.93 -22.99 18.79
CA ALA C 212 4.36 -23.11 20.18
C ALA C 212 5.78 -23.63 20.32
N SER C 213 6.48 -23.88 19.22
CA SER C 213 7.77 -24.54 19.29
C SER C 213 8.92 -23.60 19.59
N ALA C 214 8.76 -22.30 19.39
CA ALA C 214 9.82 -21.34 19.68
C ALA C 214 9.17 -20.03 20.14
N ALA C 215 8.37 -20.12 21.20
CA ALA C 215 7.68 -18.96 21.75
C ALA C 215 8.48 -18.36 22.90
N SER C 216 8.50 -17.04 23.00
CA SER C 216 9.29 -16.40 24.04
C SER C 216 8.83 -14.97 24.23
N TYR C 217 9.29 -14.36 25.32
CA TYR C 217 9.00 -12.95 25.56
C TYR C 217 10.11 -12.35 26.41
N PRO C 218 10.33 -11.04 26.32
CA PRO C 218 11.37 -10.42 27.13
C PRO C 218 10.93 -10.19 28.56
N THR C 219 11.90 -10.32 29.48
CA THR C 219 11.68 -10.01 30.88
C THR C 219 11.87 -8.52 31.11
N VAL C 220 10.81 -7.86 31.55
CA VAL C 220 10.85 -6.41 31.75
C VAL C 220 10.43 -6.14 33.17
N ALA D 1 -11.53 -0.81 -31.24
CA ALA D 1 -11.70 -2.07 -30.53
C ALA D 1 -12.98 -1.96 -29.70
N PRO D 2 -13.53 -3.09 -29.25
CA PRO D 2 -14.68 -3.01 -28.34
C PRO D 2 -14.28 -2.28 -27.07
N ARG D 3 -15.29 -1.69 -26.43
CA ARG D 3 -15.04 -0.97 -25.18
C ARG D 3 -14.49 -1.90 -24.12
N SER D 4 -14.98 -3.14 -24.08
N SER D 4 -14.99 -3.14 -24.07
CA SER D 4 -14.45 -4.13 -23.16
CA SER D 4 -14.53 -4.15 -23.14
C SER D 4 -14.50 -5.50 -23.83
C SER D 4 -14.52 -5.51 -23.82
N VAL D 5 -13.62 -6.38 -23.37
CA VAL D 5 -13.49 -7.74 -23.90
C VAL D 5 -13.27 -8.69 -22.73
N ASP D 6 -13.93 -9.85 -22.75
CA ASP D 6 -13.66 -10.91 -21.78
C ASP D 6 -13.82 -12.25 -22.49
N TRP D 7 -12.69 -12.79 -22.97
CA TRP D 7 -12.73 -14.05 -23.73
C TRP D 7 -13.18 -15.24 -22.90
N ARG D 8 -13.29 -15.11 -21.58
CA ARG D 8 -13.83 -16.20 -20.79
C ARG D 8 -15.31 -16.43 -21.11
N GLU D 9 -16.04 -15.36 -21.42
CA GLU D 9 -17.47 -15.47 -21.71
C GLU D 9 -17.74 -16.14 -23.06
N LYS D 10 -16.72 -16.29 -23.88
CA LYS D 10 -16.85 -16.85 -25.22
C LYS D 10 -16.28 -18.26 -25.32
N GLY D 11 -15.86 -18.87 -24.22
CA GLY D 11 -15.43 -20.26 -24.22
C GLY D 11 -13.97 -20.50 -24.53
N TYR D 12 -13.14 -19.46 -24.50
CA TYR D 12 -11.77 -19.49 -24.96
C TYR D 12 -10.75 -19.88 -23.88
N VAL D 13 -11.16 -19.97 -22.62
CA VAL D 13 -10.21 -19.93 -21.51
C VAL D 13 -10.51 -21.06 -20.53
N THR D 14 -9.50 -21.91 -20.28
CA THR D 14 -9.61 -22.95 -19.28
C THR D 14 -9.58 -22.34 -17.88
N PRO D 15 -9.93 -23.11 -16.85
CA PRO D 15 -9.80 -22.60 -15.47
C PRO D 15 -8.37 -22.23 -15.14
N VAL D 16 -8.23 -21.45 -14.05
CA VAL D 16 -6.90 -21.13 -13.53
C VAL D 16 -6.18 -22.39 -13.07
N LYS D 17 -4.88 -22.50 -13.42
CA LYS D 17 -4.01 -23.59 -13.03
C LYS D 17 -2.95 -23.06 -12.06
N ASN D 18 -2.06 -23.95 -11.59
CA ASN D 18 -1.06 -23.58 -10.59
C ASN D 18 0.28 -24.19 -10.97
N GLN D 19 1.28 -23.33 -11.24
CA GLN D 19 2.59 -23.80 -11.65
C GLN D 19 3.40 -24.37 -10.50
N GLY D 20 2.98 -24.17 -9.26
CA GLY D 20 3.69 -24.74 -8.14
C GLY D 20 5.08 -24.15 -8.03
N GLN D 21 5.98 -24.95 -7.46
CA GLN D 21 7.36 -24.51 -7.22
C GLN D 21 8.24 -24.92 -8.41
N CYS D 22 8.03 -24.21 -9.50
CA CYS D 22 8.73 -24.46 -10.75
C CYS D 22 8.57 -23.20 -11.60
N GLY D 23 9.69 -22.67 -12.12
CA GLY D 23 9.67 -21.49 -12.96
C GLY D 23 9.16 -21.77 -14.37
N SER D 24 7.90 -22.18 -14.46
CA SER D 24 7.29 -22.59 -15.73
C SER D 24 6.19 -21.65 -16.20
N CYS D 25 6.12 -20.43 -15.65
CA CYS D 25 5.08 -19.48 -16.06
C CYS D 25 4.97 -19.37 -17.56
N TRP D 26 6.12 -19.38 -18.25
CA TRP D 26 6.15 -19.27 -19.71
C TRP D 26 5.36 -20.39 -20.37
N ALA D 27 5.39 -21.57 -19.75
CA ALA D 27 4.64 -22.69 -20.32
C ALA D 27 3.14 -22.52 -20.09
N PHE D 28 2.75 -22.00 -18.91
CA PHE D 28 1.33 -21.75 -18.66
C PHE D 28 0.82 -20.60 -19.51
N SER D 29 1.63 -19.55 -19.71
CA SER D 29 1.21 -18.50 -20.62
C SER D 29 1.04 -19.04 -22.04
N ALA D 30 1.96 -19.92 -22.47
CA ALA D 30 1.89 -20.44 -23.83
C ALA D 30 0.70 -21.38 -24.04
N THR D 31 0.43 -22.28 -23.08
CA THR D 31 -0.74 -23.14 -23.25
C THR D 31 -2.03 -22.32 -23.23
N GLY D 32 -2.09 -21.29 -22.38
CA GLY D 32 -3.28 -20.44 -22.37
C GLY D 32 -3.58 -19.86 -23.73
N ALA D 33 -2.55 -19.32 -24.39
CA ALA D 33 -2.77 -18.71 -25.70
C ALA D 33 -3.12 -19.75 -26.74
N LEU D 34 -2.46 -20.92 -26.71
CA LEU D 34 -2.77 -21.97 -27.68
C LEU D 34 -4.16 -22.55 -27.45
N GLU D 35 -4.58 -22.67 -26.19
CA GLU D 35 -5.96 -23.07 -25.87
C GLU D 35 -6.97 -22.15 -26.53
N GLY D 36 -6.74 -20.84 -26.45
CA GLY D 36 -7.65 -19.89 -27.08
C GLY D 36 -7.67 -20.02 -28.60
N GLN D 37 -6.50 -20.17 -29.22
CA GLN D 37 -6.47 -20.23 -30.67
C GLN D 37 -7.00 -21.56 -31.19
N MET D 38 -6.80 -22.64 -30.43
CA MET D 38 -7.38 -23.92 -30.84
C MET D 38 -8.90 -23.90 -30.74
N PHE D 39 -9.44 -23.23 -29.71
CA PHE D 39 -10.90 -23.08 -29.63
C PHE D 39 -11.42 -22.27 -30.79
N ARG D 40 -10.70 -21.19 -31.13
CA ARG D 40 -11.07 -20.33 -32.24
C ARG D 40 -11.09 -21.10 -33.55
N LYS D 41 -10.20 -22.09 -33.69
CA LYS D 41 -10.15 -22.87 -34.91
C LYS D 41 -11.19 -23.99 -34.95
N THR D 42 -11.39 -24.69 -33.83
CA THR D 42 -12.21 -25.90 -33.81
C THR D 42 -13.52 -25.76 -33.07
N GLY D 43 -13.70 -24.75 -32.22
CA GLY D 43 -14.87 -24.69 -31.37
C GLY D 43 -14.82 -25.60 -30.15
N ARG D 44 -13.68 -26.23 -29.88
CA ARG D 44 -13.53 -27.09 -28.70
C ARG D 44 -12.40 -26.55 -27.84
N LEU D 45 -12.69 -26.36 -26.56
CA LEU D 45 -11.70 -25.97 -25.56
C LEU D 45 -11.11 -27.23 -24.94
N ILE D 46 -9.81 -27.40 -25.05
CA ILE D 46 -9.13 -28.55 -24.48
C ILE D 46 -7.89 -28.07 -23.76
N SER D 47 -7.78 -28.36 -22.47
CA SER D 47 -6.63 -27.92 -21.68
C SER D 47 -5.36 -28.64 -22.14
N LEU D 48 -4.27 -27.89 -22.24
CA LEU D 48 -3.02 -28.38 -22.83
C LEU D 48 -1.93 -28.59 -21.77
N SER D 49 -0.97 -29.46 -22.12
CA SER D 49 0.07 -29.94 -21.19
C SER D 49 1.21 -28.93 -21.03
N GLU D 50 1.26 -28.25 -19.87
CA GLU D 50 2.49 -27.50 -19.56
C GLU D 50 3.67 -28.44 -19.38
N GLN D 51 3.44 -29.63 -18.83
CA GLN D 51 4.54 -30.58 -18.62
C GLN D 51 5.18 -30.97 -19.95
N ASN D 52 4.38 -31.11 -21.00
CA ASN D 52 4.90 -31.37 -22.34
C ASN D 52 5.92 -30.29 -22.74
N LEU D 53 5.61 -29.02 -22.45
CA LEU D 53 6.54 -27.94 -22.78
C LEU D 53 7.77 -27.96 -21.88
N VAL D 54 7.58 -28.21 -20.58
CA VAL D 54 8.69 -28.22 -19.63
C VAL D 54 9.69 -29.30 -19.99
N ASP D 55 9.20 -30.49 -20.37
CA ASP D 55 10.09 -31.62 -20.62
C ASP D 55 10.72 -31.59 -22.02
N CYS D 56 10.05 -30.99 -23.01
CA CYS D 56 10.34 -31.27 -24.42
C CYS D 56 10.83 -30.09 -25.24
N SER D 57 10.63 -28.84 -24.78
CA SER D 57 10.92 -27.67 -25.61
C SER D 57 12.30 -27.08 -25.32
N GLY D 58 13.17 -27.85 -24.69
CA GLY D 58 14.58 -27.52 -24.57
C GLY D 58 15.28 -27.17 -25.88
N PRO D 59 15.06 -27.95 -26.95
CA PRO D 59 15.78 -27.65 -28.20
C PRO D 59 15.42 -26.30 -28.80
N GLN D 60 14.25 -25.76 -28.48
CA GLN D 60 13.85 -24.43 -28.94
C GLN D 60 14.38 -23.31 -28.05
N GLY D 61 15.06 -23.64 -26.96
CA GLY D 61 15.66 -22.63 -26.09
C GLY D 61 15.06 -22.55 -24.70
N ASN D 62 14.04 -23.33 -24.38
CA ASN D 62 13.46 -23.26 -23.04
C ASN D 62 14.27 -24.11 -22.06
N GLU D 63 14.17 -23.77 -20.78
CA GLU D 63 14.99 -24.40 -19.75
C GLU D 63 14.13 -24.92 -18.60
N GLY D 64 12.99 -25.53 -18.92
CA GLY D 64 12.24 -26.24 -17.90
C GLY D 64 11.78 -25.34 -16.79
N CYS D 65 12.08 -25.72 -15.55
CA CYS D 65 11.74 -24.89 -14.39
C CYS D 65 12.72 -23.75 -14.16
N ASN D 66 13.78 -23.65 -14.95
CA ASN D 66 14.72 -22.55 -14.86
C ASN D 66 14.34 -21.37 -15.73
N GLY D 67 13.28 -21.47 -16.52
CA GLY D 67 12.83 -20.37 -17.35
C GLY D 67 12.62 -20.79 -18.79
N GLY D 68 12.10 -19.85 -19.56
CA GLY D 68 11.77 -20.08 -20.95
C GLY D 68 10.96 -18.93 -21.52
N LEU D 69 10.54 -19.09 -22.78
CA LEU D 69 9.83 -18.05 -23.50
C LEU D 69 8.61 -18.63 -24.18
N MET D 70 7.51 -17.88 -24.17
CA MET D 70 6.30 -18.33 -24.84
C MET D 70 6.54 -18.56 -26.33
N ASP D 71 7.35 -17.69 -26.97
CA ASP D 71 7.63 -17.85 -28.39
C ASP D 71 8.38 -19.14 -28.65
N TYR D 72 9.37 -19.46 -27.81
CA TYR D 72 10.05 -20.75 -27.91
C TYR D 72 9.07 -21.89 -27.76
N ALA D 73 8.06 -21.72 -26.89
CA ALA D 73 7.06 -22.78 -26.76
C ALA D 73 6.20 -22.91 -28.02
N PHE D 74 5.78 -21.79 -28.61
CA PHE D 74 5.06 -21.88 -29.88
C PHE D 74 5.92 -22.49 -30.97
N GLN D 75 7.21 -22.16 -30.97
CA GLN D 75 8.13 -22.76 -31.93
C GLN D 75 8.18 -24.28 -31.77
N TYR D 76 8.17 -24.75 -30.51
CA TYR D 76 8.22 -26.18 -30.25
C TYR D 76 7.00 -26.88 -30.85
N VAL D 77 5.81 -26.36 -30.57
CA VAL D 77 4.60 -26.99 -31.10
C VAL D 77 4.65 -27.07 -32.62
N GLN D 78 5.16 -26.02 -33.27
CA GLN D 78 5.33 -26.04 -34.72
C GLN D 78 6.37 -27.09 -35.14
N ASP D 79 7.56 -27.03 -34.53
CA ASP D 79 8.62 -28.00 -34.83
C ASP D 79 8.15 -29.42 -34.58
N ASN D 80 7.44 -29.63 -33.46
CA ASN D 80 7.07 -30.97 -33.03
C ASN D 80 5.83 -31.51 -33.73
N GLY D 81 5.04 -30.62 -34.35
CA GLY D 81 3.80 -31.05 -34.97
C GLY D 81 2.70 -31.40 -34.00
N GLY D 82 2.76 -30.91 -32.77
CA GLY D 82 1.71 -31.21 -31.82
C GLY D 82 2.05 -30.83 -30.40
N LEU D 83 1.02 -30.88 -29.56
CA LEU D 83 1.13 -30.72 -28.12
C LEU D 83 0.05 -31.56 -27.46
N ASP D 84 0.45 -32.36 -26.48
CA ASP D 84 -0.47 -33.25 -25.79
C ASP D 84 -1.42 -32.50 -24.88
N SER D 85 -2.61 -33.08 -24.69
CA SER D 85 -3.58 -32.53 -23.76
C SER D 85 -3.08 -32.60 -22.33
N GLU D 86 -3.56 -31.67 -21.51
CA GLU D 86 -3.32 -31.71 -20.07
C GLU D 86 -3.67 -33.06 -19.48
N GLU D 87 -4.84 -33.61 -19.85
CA GLU D 87 -5.28 -34.88 -19.28
C GLU D 87 -4.30 -36.00 -19.58
N SER D 88 -3.77 -36.02 -20.80
CA SER D 88 -2.89 -37.12 -21.19
C SER D 88 -1.48 -36.96 -20.64
N TYR D 89 -1.09 -35.75 -20.24
CA TYR D 89 0.30 -35.44 -19.91
C TYR D 89 0.30 -34.44 -18.77
N PRO D 90 -0.05 -34.91 -17.56
CA PRO D 90 -0.35 -33.97 -16.48
C PRO D 90 0.90 -33.32 -15.92
N TYR D 91 0.64 -32.31 -15.08
CA TYR D 91 1.66 -31.39 -14.63
C TYR D 91 2.28 -31.91 -13.34
N GLU D 92 3.61 -31.90 -13.27
CA GLU D 92 4.33 -32.41 -12.11
C GLU D 92 5.20 -31.37 -11.42
N ALA D 93 5.31 -30.15 -11.96
CA ALA D 93 6.05 -29.05 -11.33
C ALA D 93 7.53 -29.35 -11.15
N THR D 94 8.07 -30.26 -11.97
CA THR D 94 9.51 -30.52 -12.01
C THR D 94 9.85 -31.08 -13.39
N GLU D 95 11.10 -30.84 -13.81
CA GLU D 95 11.50 -31.14 -15.18
C GLU D 95 11.89 -32.60 -15.29
N GLU D 96 11.34 -33.29 -16.29
CA GLU D 96 11.64 -34.69 -16.53
C GLU D 96 11.86 -34.90 -18.01
N SER D 97 12.18 -36.14 -18.40
CA SER D 97 12.43 -36.38 -19.81
C SER D 97 11.13 -36.31 -20.60
N CYS D 98 11.28 -36.07 -21.90
N CYS D 98 11.28 -36.05 -21.90
CA CYS D 98 10.14 -35.82 -22.77
CA CYS D 98 10.14 -35.82 -22.78
C CYS D 98 9.37 -37.10 -23.06
C CYS D 98 9.38 -37.12 -23.03
N LYS D 99 8.06 -37.07 -22.86
CA LYS D 99 7.20 -38.22 -23.13
C LYS D 99 6.06 -37.85 -24.06
N TYR D 100 6.30 -36.88 -24.95
CA TYR D 100 5.31 -36.54 -25.96
C TYR D 100 4.89 -37.78 -26.74
N ASN D 101 3.58 -37.92 -26.92
CA ASN D 101 2.99 -38.98 -27.74
C ASN D 101 2.06 -38.32 -28.75
N PRO D 102 2.35 -38.40 -30.05
CA PRO D 102 1.53 -37.65 -31.02
C PRO D 102 0.10 -38.13 -31.12
N LYS D 103 -0.20 -39.36 -30.70
CA LYS D 103 -1.57 -39.85 -30.70
C LYS D 103 -2.44 -39.10 -29.70
N TYR D 104 -1.83 -38.43 -28.73
CA TYR D 104 -2.57 -37.66 -27.75
C TYR D 104 -2.42 -36.16 -27.96
N SER D 105 -1.87 -35.73 -29.09
CA SER D 105 -1.83 -34.32 -29.42
C SER D 105 -3.22 -33.81 -29.74
N VAL D 106 -3.58 -32.66 -29.17
CA VAL D 106 -4.84 -32.01 -29.48
C VAL D 106 -4.63 -30.59 -30.00
N ALA D 107 -3.39 -30.18 -30.25
CA ALA D 107 -3.10 -28.83 -30.71
C ALA D 107 -1.95 -28.85 -31.70
N ASN D 108 -1.91 -27.83 -32.56
CA ASN D 108 -0.75 -27.57 -33.41
C ASN D 108 -0.69 -26.08 -33.65
N ASP D 109 0.46 -25.61 -34.11
CA ASP D 109 0.52 -24.25 -34.66
C ASP D 109 1.58 -24.18 -35.75
N ALA D 110 1.56 -23.07 -36.47
CA ALA D 110 2.45 -22.84 -37.61
C ALA D 110 3.34 -21.63 -37.36
N GLY D 111 3.72 -21.43 -36.11
CA GLY D 111 4.53 -20.29 -35.79
C GLY D 111 3.82 -19.34 -34.86
N PHE D 112 4.26 -18.09 -34.84
CA PHE D 112 3.71 -17.13 -33.88
C PHE D 112 3.83 -15.74 -34.46
N VAL D 113 3.13 -14.79 -33.82
CA VAL D 113 3.15 -13.40 -34.22
C VAL D 113 3.54 -12.60 -32.99
N ASP D 114 4.60 -11.81 -33.10
CA ASP D 114 4.97 -10.85 -32.08
C ASP D 114 4.23 -9.55 -32.31
N ILE D 115 3.63 -9.01 -31.26
CA ILE D 115 2.80 -7.82 -31.37
C ILE D 115 3.70 -6.60 -31.17
N PRO D 116 3.55 -5.54 -31.97
CA PRO D 116 4.30 -4.31 -31.72
C PRO D 116 4.16 -3.86 -30.28
N LYS D 117 5.25 -3.29 -29.75
CA LYS D 117 5.40 -3.05 -28.32
C LYS D 117 4.69 -1.77 -27.89
N GLN D 118 3.37 -1.77 -28.06
CA GLN D 118 2.53 -0.64 -27.68
C GLN D 118 1.17 -1.19 -27.25
N GLU D 119 0.54 -0.50 -26.29
CA GLU D 119 -0.73 -0.97 -25.74
C GLU D 119 -1.89 -0.83 -26.71
N LYS D 120 -1.82 0.09 -27.68
CA LYS D 120 -2.90 0.13 -28.67
C LYS D 120 -2.84 -1.08 -29.59
N ALA D 121 -1.63 -1.50 -29.94
CA ALA D 121 -1.46 -2.73 -30.73
C ALA D 121 -1.87 -3.96 -29.94
N LEU D 122 -1.57 -3.98 -28.63
CA LEU D 122 -1.97 -5.10 -27.80
C LEU D 122 -3.49 -5.16 -27.66
N MET D 123 -4.15 -4.01 -27.57
CA MET D 123 -5.62 -4.03 -27.48
C MET D 123 -6.23 -4.57 -28.75
N LYS D 124 -5.75 -4.12 -29.91
CA LYS D 124 -6.25 -4.63 -31.19
C LYS D 124 -6.11 -6.16 -31.29
N ALA D 125 -4.97 -6.69 -30.82
CA ALA D 125 -4.75 -8.13 -30.88
C ALA D 125 -5.66 -8.89 -29.91
N VAL D 126 -5.81 -8.41 -28.68
CA VAL D 126 -6.76 -9.04 -27.75
C VAL D 126 -8.17 -9.01 -28.35
N ALA D 127 -8.53 -7.89 -28.96
CA ALA D 127 -9.88 -7.74 -29.51
C ALA D 127 -10.13 -8.67 -30.69
N THR D 128 -9.14 -8.86 -31.55
CA THR D 128 -9.39 -9.52 -32.82
C THR D 128 -8.88 -10.96 -32.89
N VAL D 129 -8.04 -11.37 -31.96
CA VAL D 129 -7.36 -12.68 -32.04
C VAL D 129 -7.88 -13.61 -30.95
N GLY D 130 -7.86 -13.17 -29.70
CA GLY D 130 -8.13 -14.05 -28.59
C GLY D 130 -7.16 -13.71 -27.48
N PRO D 131 -7.07 -14.58 -26.47
CA PRO D 131 -6.12 -14.33 -25.39
C PRO D 131 -4.69 -14.29 -25.92
N ILE D 132 -3.88 -13.43 -25.30
CA ILE D 132 -2.56 -13.07 -25.77
C ILE D 132 -1.52 -13.35 -24.68
N SER D 133 -0.46 -14.06 -25.04
CA SER D 133 0.65 -14.29 -24.11
C SER D 133 1.41 -12.99 -23.91
N VAL D 134 1.69 -12.65 -22.65
CA VAL D 134 2.44 -11.44 -22.33
C VAL D 134 3.40 -11.72 -21.18
N ALA D 135 4.40 -10.85 -21.05
CA ALA D 135 5.28 -10.85 -19.88
C ALA D 135 5.14 -9.53 -19.14
N ILE D 136 5.19 -9.60 -17.82
CA ILE D 136 5.01 -8.44 -16.97
C ILE D 136 6.10 -8.44 -15.89
N ASP D 137 6.31 -7.26 -15.31
CA ASP D 137 7.13 -7.14 -14.11
C ASP D 137 6.22 -7.48 -12.94
N ALA D 138 6.36 -8.70 -12.42
CA ALA D 138 5.63 -9.16 -11.24
C ALA D 138 6.51 -9.13 -9.99
N GLY D 139 7.70 -8.54 -10.08
CA GLY D 139 8.66 -8.63 -8.99
C GLY D 139 8.47 -7.66 -7.83
N HIS D 140 7.27 -7.65 -7.25
CA HIS D 140 6.95 -6.75 -6.15
C HIS D 140 5.98 -7.42 -5.20
N GLU D 141 6.12 -7.15 -3.89
CA GLU D 141 5.21 -7.75 -2.93
C GLU D 141 3.77 -7.28 -3.16
N SER D 142 3.56 -6.10 -3.75
CA SER D 142 2.20 -5.66 -4.08
C SER D 142 1.50 -6.62 -5.03
N PHE D 143 2.26 -7.25 -5.94
CA PHE D 143 1.66 -8.22 -6.86
C PHE D 143 1.35 -9.51 -6.12
N LEU D 144 2.26 -9.94 -5.24
CA LEU D 144 2.03 -11.14 -4.44
C LEU D 144 0.73 -11.05 -3.64
N PHE D 145 0.47 -9.90 -3.03
CA PHE D 145 -0.66 -9.71 -2.13
C PHE D 145 -1.87 -9.09 -2.83
N TYR D 146 -1.83 -8.95 -4.15
CA TYR D 146 -2.96 -8.35 -4.86
C TYR D 146 -4.27 -9.05 -4.52
N LYS D 147 -5.31 -8.27 -4.22
CA LYS D 147 -6.66 -8.79 -3.95
C LYS D 147 -7.70 -8.32 -4.96
N GLU D 148 -7.81 -7.02 -5.22
CA GLU D 148 -8.90 -6.49 -6.03
C GLU D 148 -8.49 -5.15 -6.64
N GLY D 149 -9.32 -4.66 -7.55
CA GLY D 149 -9.09 -3.36 -8.17
C GLY D 149 -8.07 -3.44 -9.28
N ILE D 150 -7.65 -2.27 -9.75
CA ILE D 150 -6.71 -2.20 -10.86
C ILE D 150 -5.30 -2.06 -10.31
N TYR D 151 -4.44 -3.03 -10.63
CA TYR D 151 -3.09 -3.08 -10.07
C TYR D 151 -2.22 -1.99 -10.70
N PHE D 152 -1.61 -1.18 -9.86
CA PHE D 152 -0.69 -0.13 -10.29
C PHE D 152 0.42 -0.08 -9.26
N GLU D 153 1.64 -0.30 -9.72
CA GLU D 153 2.80 -0.41 -8.84
C GLU D 153 3.78 0.68 -9.25
N PRO D 154 4.02 1.70 -8.41
CA PRO D 154 4.95 2.77 -8.82
C PRO D 154 6.29 2.27 -9.34
N ASP D 155 6.85 1.22 -8.76
CA ASP D 155 8.17 0.76 -9.18
C ASP D 155 8.11 -0.27 -10.31
N CYS D 156 6.97 -0.41 -10.99
CA CYS D 156 6.90 -1.35 -12.10
C CYS D 156 7.74 -0.89 -13.29
N SER D 157 8.42 -1.84 -13.92
CA SER D 157 9.28 -1.61 -15.06
C SER D 157 8.62 -2.08 -16.35
N SER D 158 8.86 -1.34 -17.43
N SER D 158 8.86 -1.34 -17.43
CA SER D 158 8.36 -1.69 -18.75
CA SER D 158 8.36 -1.71 -18.76
C SER D 158 9.40 -2.43 -19.59
C SER D 158 9.40 -2.47 -19.58
N GLU D 159 10.60 -2.66 -19.03
CA GLU D 159 11.69 -3.35 -19.71
C GLU D 159 12.11 -4.64 -19.05
N ASP D 160 11.99 -4.77 -17.73
CA ASP D 160 12.50 -5.92 -16.99
C ASP D 160 11.32 -6.75 -16.50
N MET D 161 10.73 -7.51 -17.41
CA MET D 161 9.61 -8.37 -17.07
C MET D 161 10.14 -9.74 -16.66
N ASP D 162 9.49 -10.36 -15.67
CA ASP D 162 9.97 -11.61 -15.12
C ASP D 162 8.89 -12.69 -15.02
N HIS D 163 7.73 -12.48 -15.62
CA HIS D 163 6.59 -13.40 -15.39
C HIS D 163 5.71 -13.43 -16.62
N GLY D 164 5.56 -14.62 -17.21
CA GLY D 164 4.67 -14.79 -18.34
C GLY D 164 3.27 -15.11 -17.86
N VAL D 165 2.29 -14.37 -18.40
CA VAL D 165 0.87 -14.51 -18.09
C VAL D 165 0.05 -14.35 -19.36
N LEU D 166 -1.27 -14.19 -19.22
CA LEU D 166 -2.18 -14.31 -20.36
C LEU D 166 -3.22 -13.21 -20.24
N VAL D 167 -3.31 -12.36 -21.26
CA VAL D 167 -4.33 -11.30 -21.29
C VAL D 167 -5.55 -11.91 -21.93
N VAL D 168 -6.64 -12.00 -21.17
CA VAL D 168 -7.88 -12.58 -21.69
C VAL D 168 -8.94 -11.54 -21.97
N GLY D 169 -8.62 -10.26 -21.79
CA GLY D 169 -9.59 -9.20 -22.03
C GLY D 169 -9.10 -7.89 -21.45
N TYR D 170 -10.04 -6.93 -21.36
CA TYR D 170 -9.75 -5.60 -20.85
C TYR D 170 -11.06 -4.87 -20.63
N GLY D 171 -11.01 -3.79 -19.87
CA GLY D 171 -12.22 -2.98 -19.69
C GLY D 171 -11.93 -1.76 -18.85
N PHE D 172 -12.94 -1.28 -18.14
CA PHE D 172 -12.78 -0.07 -17.32
C PHE D 172 -13.67 -0.22 -16.09
N GLU D 173 -13.28 0.47 -15.03
CA GLU D 173 -14.01 0.53 -13.78
C GLU D 173 -14.55 1.95 -13.60
N SER D 174 -15.55 2.08 -12.72
CA SER D 174 -16.34 3.30 -12.54
C SER D 174 -16.71 3.95 -13.88
N THR D 175 -16.77 5.28 -13.92
CA THR D 175 -17.28 5.99 -15.09
C THR D 175 -16.24 6.02 -16.20
N GLU D 176 -16.71 5.87 -17.45
CA GLU D 176 -15.77 5.74 -18.56
C GLU D 176 -14.85 6.95 -18.68
N SER D 177 -15.37 8.15 -18.44
CA SER D 177 -14.57 9.36 -18.61
C SER D 177 -13.40 9.44 -17.64
N ASP D 178 -13.42 8.67 -16.56
CA ASP D 178 -12.28 8.60 -15.63
C ASP D 178 -11.06 7.93 -16.25
N ASN D 179 -11.23 7.19 -17.36
CA ASN D 179 -10.12 6.44 -17.98
C ASN D 179 -9.47 5.50 -16.96
N ASN D 180 -10.31 4.86 -16.15
CA ASN D 180 -9.90 3.89 -15.13
C ASN D 180 -9.89 2.49 -15.75
N LYS D 181 -8.87 2.26 -16.58
CA LYS D 181 -8.83 1.13 -17.52
C LYS D 181 -7.88 0.03 -17.06
N TYR D 182 -8.17 -1.22 -17.48
CA TYR D 182 -7.33 -2.33 -17.04
C TYR D 182 -7.24 -3.40 -18.12
N TRP D 183 -6.17 -4.18 -18.04
CA TRP D 183 -6.06 -5.46 -18.74
C TRP D 183 -6.52 -6.57 -17.80
N LEU D 184 -7.35 -7.49 -18.31
CA LEU D 184 -7.79 -8.64 -17.51
C LEU D 184 -6.82 -9.79 -17.76
N VAL D 185 -6.11 -10.22 -16.69
CA VAL D 185 -4.94 -11.06 -16.84
C VAL D 185 -5.12 -12.35 -16.03
N LYS D 186 -4.94 -13.49 -16.71
CA LYS D 186 -4.94 -14.80 -16.08
C LYS D 186 -3.54 -15.15 -15.58
N ASN D 187 -3.43 -15.48 -14.30
CA ASN D 187 -2.18 -15.91 -13.69
C ASN D 187 -2.20 -17.44 -13.53
N SER D 188 -1.06 -17.99 -13.10
CA SER D 188 -0.88 -19.42 -12.96
C SER D 188 -0.43 -19.77 -11.53
N TRP D 189 -1.00 -19.06 -10.55
CA TRP D 189 -0.72 -19.32 -9.14
C TRP D 189 -1.92 -19.87 -8.38
N GLY D 190 -2.86 -20.51 -9.08
CA GLY D 190 -4.04 -21.03 -8.44
C GLY D 190 -5.08 -19.94 -8.22
N GLU D 191 -6.31 -20.36 -7.92
CA GLU D 191 -7.39 -19.39 -7.85
C GLU D 191 -7.44 -18.70 -6.50
N GLU D 192 -6.65 -19.15 -5.52
CA GLU D 192 -6.57 -18.48 -4.24
C GLU D 192 -5.75 -17.20 -4.30
N TRP D 193 -4.90 -17.05 -5.31
CA TRP D 193 -4.18 -15.80 -5.51
C TRP D 193 -5.08 -14.78 -6.19
N GLY D 194 -4.96 -13.52 -5.77
CA GLY D 194 -5.61 -12.46 -6.53
C GLY D 194 -7.12 -12.59 -6.56
N MET D 195 -7.71 -12.27 -7.70
N MET D 195 -7.71 -12.26 -7.71
CA MET D 195 -9.17 -12.28 -7.85
CA MET D 195 -9.16 -12.28 -7.92
C MET D 195 -9.54 -13.56 -8.58
C MET D 195 -9.53 -13.59 -8.60
N GLY D 196 -9.71 -14.64 -7.81
CA GLY D 196 -9.93 -15.95 -8.38
C GLY D 196 -8.80 -16.41 -9.27
N GLY D 197 -7.57 -15.96 -8.99
CA GLY D 197 -6.44 -16.25 -9.86
C GLY D 197 -6.22 -15.25 -10.97
N TYR D 198 -7.04 -14.21 -11.06
CA TYR D 198 -6.92 -13.15 -12.06
C TYR D 198 -6.47 -11.84 -11.42
N VAL D 199 -5.91 -10.96 -12.25
CA VAL D 199 -5.56 -9.60 -11.83
C VAL D 199 -5.98 -8.63 -12.93
N LYS D 200 -6.52 -7.49 -12.53
CA LYS D 200 -6.72 -6.38 -13.44
C LYS D 200 -5.48 -5.49 -13.37
N MET D 201 -4.79 -5.32 -14.48
N MET D 201 -4.78 -5.34 -14.49
CA MET D 201 -3.53 -4.57 -14.51
CA MET D 201 -3.52 -4.60 -14.57
C MET D 201 -3.71 -3.25 -15.24
C MET D 201 -3.75 -3.23 -15.22
N ALA D 202 -3.06 -2.21 -14.72
CA ALA D 202 -3.18 -0.86 -15.28
C ALA D 202 -3.01 -0.83 -16.79
N LYS D 203 -3.96 -0.19 -17.47
CA LYS D 203 -4.00 -0.11 -18.93
C LYS D 203 -3.91 1.34 -19.38
N ASP D 204 -3.14 1.55 -20.45
CA ASP D 204 -3.00 2.86 -21.11
C ASP D 204 -2.31 3.86 -20.19
N ARG D 205 -1.33 3.36 -19.43
CA ARG D 205 -0.41 4.21 -18.66
C ARG D 205 1.02 3.98 -19.13
N ARG D 206 1.24 4.10 -20.44
CA ARG D 206 2.57 3.95 -21.05
C ARG D 206 3.20 2.61 -20.69
N ASN D 207 2.46 1.54 -20.92
CA ASN D 207 3.01 0.18 -20.84
C ASN D 207 3.42 -0.17 -19.41
N HIS D 208 2.48 -0.01 -18.46
CA HIS D 208 2.74 -0.33 -17.06
C HIS D 208 3.13 -1.78 -16.87
N CYS D 209 4.25 -2.01 -16.15
CA CYS D 209 4.81 -3.34 -15.91
C CYS D 209 5.21 -4.08 -17.19
N GLY D 210 5.32 -3.38 -18.32
CA GLY D 210 5.81 -4.02 -19.53
C GLY D 210 4.86 -4.99 -20.20
N ILE D 211 3.56 -4.87 -19.93
CA ILE D 211 2.58 -5.83 -20.41
C ILE D 211 2.53 -5.88 -21.93
N ALA D 212 2.90 -4.79 -22.61
CA ALA D 212 2.97 -4.79 -24.07
C ALA D 212 4.37 -5.03 -24.63
N SER D 213 5.37 -5.27 -23.77
CA SER D 213 6.76 -5.36 -24.22
C SER D 213 7.11 -6.70 -24.86
N ALA D 214 6.42 -7.78 -24.51
CA ALA D 214 6.73 -9.11 -25.04
C ALA D 214 5.44 -9.91 -25.23
N ALA D 215 4.56 -9.39 -26.09
CA ALA D 215 3.25 -9.98 -26.30
C ALA D 215 3.25 -10.72 -27.64
N SER D 216 2.65 -11.91 -27.64
CA SER D 216 2.64 -12.74 -28.84
C SER D 216 1.50 -13.74 -28.75
N TYR D 217 1.23 -14.40 -29.87
CA TYR D 217 0.24 -15.46 -29.90
C TYR D 217 0.64 -16.45 -30.97
N PRO D 218 0.18 -17.69 -30.87
CA PRO D 218 0.52 -18.69 -31.89
C PRO D 218 -0.42 -18.60 -33.09
N THR D 219 0.15 -18.91 -34.27
CA THR D 219 -0.61 -18.99 -35.52
C THR D 219 -1.13 -20.41 -35.68
N VAL D 220 -2.45 -20.58 -35.74
CA VAL D 220 -3.00 -21.92 -35.90
C VAL D 220 -3.81 -22.02 -37.20
C1 TQ8 E . -26.98 1.66 9.80
N2 TQ8 E . -26.68 0.24 9.94
C3 TQ8 E . -28.49 1.91 9.90
C4 TQ8 E . -26.25 2.40 10.90
O5 TQ8 E . -26.25 2.00 12.04
C6 TQ8 E . -29.20 1.67 8.58
C7 TQ8 E . -30.07 0.61 8.43
C8 TQ8 E . -28.95 2.49 7.49
C9 TQ8 E . -30.68 0.36 7.22
C10 TQ8 E . -29.57 2.25 6.27
C11 TQ8 E . -30.44 1.18 6.14
S12 TQ8 E . -25.52 -0.45 9.03
O13 TQ8 E . -24.31 0.25 9.32
O14 TQ8 E . -25.61 -1.87 9.28
C15 TQ8 E . -26.82 0.45 4.79
C16 TQ8 E . -25.84 1.20 5.40
C17 TQ8 E . -25.40 0.90 6.68
C18 TQ8 E . -25.96 -0.16 7.36
C19 TQ8 E . -26.94 -0.94 6.76
C20 TQ8 E . -27.37 -0.62 5.48
C21 TQ8 E . -27.31 0.80 3.40
C22 TQ8 E . -25.49 3.65 10.51
C1 EDO F . -0.76 21.14 10.05
O1 EDO F . -1.77 22.12 9.78
C2 EDO F . -0.93 20.61 11.46
O2 EDO F . -0.44 19.28 11.57
C1 PEG G . -33.59 8.64 13.20
O1 PEG G . -33.72 7.97 11.96
C2 PEG G . -32.42 9.56 13.20
O2 PEG G . -32.47 10.40 14.35
C3 PEG G . -31.93 11.71 14.13
C4 PEG G . -32.52 12.30 12.89
O4 PEG G . -32.20 13.67 12.76
S DMS H . -7.53 14.22 -11.91
O DMS H . -8.37 14.41 -13.13
C1 DMS H . -8.43 14.76 -10.44
C2 DMS H . -7.40 12.42 -11.66
C1 PGE I . -24.38 -2.25 33.24
O1 PGE I . -24.08 -3.30 32.32
C2 PGE I . -23.52 -1.05 33.03
O2 PGE I . -23.46 -0.27 34.22
C3 PGE I . -22.13 -0.15 34.74
C4 PGE I . -22.01 -0.87 36.05
O4 PGE I . -19.62 -4.45 34.89
C6 PGE I . -19.39 -3.23 35.59
C5 PGE I . -20.61 -2.75 36.30
O3 PGE I . -20.67 -1.33 36.26
C1 PG5 J . -15.41 1.43 40.72
O1 PG5 J . -14.83 2.49 40.01
C2 PG5 J . -14.08 3.35 40.83
C3 PG5 J . -14.09 4.79 40.27
O2 PG5 J . -14.28 5.72 41.30
C4 PG5 J . -13.19 5.85 42.17
C5 PG5 J . -13.51 6.84 43.30
O3 PG5 J . -14.52 6.30 44.11
C6 PG5 J . -14.18 6.20 45.46
C7 PG5 J . -15.40 5.68 46.24
O4 PG5 J . -15.47 4.28 46.15
C8 PG5 J . -15.81 3.62 47.36
S DMS K . -32.11 17.35 27.97
O DMS K . -30.77 16.79 28.32
C1 DMS K . -32.39 17.14 26.20
C2 DMS K . -33.39 16.27 28.68
S DMS L . -24.27 -5.52 6.82
O DMS L . -23.46 -4.75 7.81
C1 DMS L . -25.06 -6.95 7.60
C2 DMS L . -25.71 -4.55 6.30
C1 PEG M . -16.09 19.56 -0.46
O1 PEG M . -14.83 20.21 -0.57
C2 PEG M . -17.11 20.27 -1.30
O2 PEG M . -16.48 20.65 -2.50
C3 PEG M . -16.40 19.58 -3.43
C4 PEG M . -17.62 19.60 -4.31
O4 PEG M . -17.34 20.19 -5.57
C2 VLF N . -32.01 4.69 8.35
C4 VLF N . -30.83 4.50 10.45
C5 VLF N . -30.01 5.57 10.09
C6 VLF N . -30.20 6.21 8.86
C1 VLF N . -33.08 4.20 7.41
C12 VLF N . -27.41 8.32 10.52
C13 VLF N . -26.02 8.75 10.03
C14 VLF N . -25.82 10.24 10.02
C15 VLF N . -25.19 10.88 11.09
C16 VLF N . -24.98 12.25 11.06
C17 VLF N . -25.40 13.00 9.98
C18 VLF N . -26.02 12.38 8.92
C19 VLF N . -26.23 11.01 8.93
C20 VLF N . -28.55 9.10 9.88
C22 VLF N . -29.36 10.01 10.76
C3 VLF N . -31.82 4.08 9.58
C7 VLF N . -31.19 5.76 8.01
N11 VLF N . -27.62 6.89 10.30
O10 VLF N . -29.28 7.09 12.06
O21 VLF N . -28.81 8.99 8.69
O23 VLF N . -30.65 10.38 10.29
O9 VLF N . -28.10 4.94 11.70
S8 VLF N . -28.73 6.11 11.17
C1 TQ8 O . 7.09 29.37 -2.64
N2 TQ8 O . 7.87 30.56 -2.99
C3 TQ8 O . 5.75 29.77 -2.00
C4 TQ8 O . 6.93 28.48 -3.89
O5 TQ8 O . 6.81 28.95 -4.99
C6 TQ8 O . 5.95 30.33 -0.61
C7 TQ8 O . 5.86 31.70 -0.38
C8 TQ8 O . 6.32 29.51 0.44
C9 TQ8 O . 6.15 32.23 0.87
C10 TQ8 O . 6.61 30.04 1.69
C11 TQ8 O . 6.52 31.40 1.90
S12 TQ8 O . 9.46 30.59 -2.75
O13 TQ8 O . 9.99 29.44 -3.42
O14 TQ8 O . 9.90 31.90 -3.13
C15 TQ8 O . 10.28 30.06 1.70
C16 TQ8 O . 10.10 28.96 0.87
C17 TQ8 O . 9.85 29.11 -0.48
C18 TQ8 O . 9.75 30.38 -1.02
C19 TQ8 O . 9.91 31.50 -0.22
C20 TQ8 O . 10.18 31.33 1.13
C21 TQ8 O . 10.60 29.89 3.16
C22 TQ8 O . 6.98 27.01 -3.67
C1 PEG P . 25.86 9.26 -13.04
O1 PEG P . 24.65 8.70 -12.54
C2 PEG P . 27.06 8.45 -12.68
O2 PEG P . 27.31 8.54 -11.28
C3 PEG P . 27.30 9.88 -10.81
C4 PEG P . 28.25 10.03 -9.66
O4 PEG P . 29.25 10.99 -9.95
C1 EDO Q . 3.09 31.89 -27.67
O1 EDO Q . 3.15 30.54 -28.17
C2 EDO Q . 3.48 31.91 -26.20
O2 EDO Q . 3.66 33.27 -25.77
S DMS R . 4.04 22.58 -3.03
O DMS R . 4.68 21.34 -2.50
C1 DMS R . 4.52 23.98 -1.99
C2 DMS R . 4.86 23.07 -4.56
C ACT S . 16.38 5.19 -17.22
O ACT S . 16.20 6.34 -16.66
OXT ACT S . 15.69 4.63 -18.14
CH3 ACT S . 17.60 4.40 -16.71
S DMS T . 13.12 34.26 -2.69
O DMS T . 12.57 33.65 -3.94
C1 DMS T . 12.02 35.57 -2.06
C2 DMS T . 13.02 33.09 -1.32
C1 TQ8 U . 11.78 -14.13 6.20
N2 TQ8 U . 11.43 -13.12 5.20
C3 TQ8 U . 13.09 -14.86 5.81
C4 TQ8 U . 11.87 -13.40 7.56
O5 TQ8 U . 12.27 -12.28 7.64
C6 TQ8 U . 12.85 -15.86 4.71
C7 TQ8 U . 13.24 -15.60 3.41
C8 TQ8 U . 12.17 -17.05 4.98
C9 TQ8 U . 12.95 -16.49 2.39
C10 TQ8 U . 11.89 -17.94 3.95
C11 TQ8 U . 12.28 -17.66 2.66
S12 TQ8 U . 9.88 -12.91 4.80
O13 TQ8 U . 9.14 -12.73 6.03
O14 TQ8 U . 9.87 -11.89 3.80
C15 TQ8 U . 8.44 -16.80 2.94
C16 TQ8 U . 8.30 -16.56 4.29
C17 TQ8 U . 8.72 -15.38 4.88
C18 TQ8 U . 9.32 -14.42 4.07
C19 TQ8 U . 9.47 -14.62 2.71
C20 TQ8 U . 9.04 -15.81 2.15
C21 TQ8 U . 7.96 -18.09 2.31
C22 TQ8 U . 11.38 -14.16 8.74
C1 PEG V . 21.34 -17.42 9.98
O1 PEG V . 20.65 -17.74 8.77
C2 PEG V . 20.73 -16.24 10.67
O2 PEG V . 21.00 -16.32 12.07
C3 PEG V . 20.29 -17.39 12.68
C4 PEG V . 21.12 -18.01 13.76
O4 PEG V . 20.55 -19.23 14.22
C1 PEG W . 19.67 9.54 17.20
O1 PEG W . 18.35 9.29 17.68
C2 PEG W . 20.37 8.26 16.86
O2 PEG W . 19.59 7.52 15.92
C3 PEG W . 20.03 7.71 14.59
C4 PEG W . 18.99 7.22 13.63
O4 PEG W . 19.30 7.58 12.30
C1 PEG X . -0.89 -1.32 33.09
O1 PEG X . -1.98 -1.19 32.19
C2 PEG X . 0.04 -0.15 32.98
O2 PEG X . 0.93 -0.14 34.08
C3 PEG X . 1.46 1.16 34.33
C4 PEG X . 0.64 1.87 35.35
O4 PEG X . 0.92 3.27 35.33
S DMS Y . 7.01 -10.49 1.16
O DMS Y . 8.25 -10.17 0.40
C1 DMS Y . 6.87 -12.29 1.39
C2 DMS Y . 7.15 -9.91 2.87
S DMS Z . 28.69 -9.79 23.74
O DMS Z . 29.02 -8.90 22.59
C1 DMS Z . 28.10 -8.76 25.12
C2 DMS Z . 27.20 -10.76 23.36
C1 EDO AA . 2.91 -25.29 -4.28
O1 EDO AA . 3.09 -23.93 -4.67
C2 EDO AA . 4.25 -25.88 -3.84
O2 EDO AA . 4.08 -27.18 -3.28
C1 TQ8 BA . 8.80 -17.34 -12.23
N2 TQ8 BA . 8.21 -18.05 -11.08
C3 TQ8 BA . 10.32 -17.55 -12.28
C4 TQ8 BA . 8.12 -17.87 -13.49
O5 TQ8 BA . 7.99 -19.05 -13.69
C6 TQ8 BA . 11.03 -16.60 -11.35
C7 TQ8 BA . 11.82 -17.09 -10.32
C8 TQ8 BA . 10.94 -15.22 -11.51
C9 TQ8 BA . 12.49 -16.21 -9.47
C10 TQ8 BA . 11.60 -14.35 -10.67
C11 TQ8 BA . 12.39 -14.85 -9.65
S12 TQ8 BA . 7.00 -17.37 -10.25
O13 TQ8 BA . 5.94 -17.12 -11.18
O14 TQ8 BA . 6.76 -18.23 -9.13
C15 TQ8 BA . 8.75 -13.43 -8.86
C16 TQ8 BA . 7.93 -13.49 -9.97
C17 TQ8 BA . 7.34 -14.67 -10.38
C18 TQ8 BA . 7.60 -15.83 -9.66
C19 TQ8 BA . 8.40 -15.80 -8.53
C20 TQ8 BA . 8.97 -14.60 -8.14
C21 TQ8 BA . 9.45 -12.15 -8.47
C22 TQ8 BA . 7.62 -16.85 -14.46
C1 PEG CA . 3.99 -19.06 -7.71
O1 PEG CA . 4.33 -20.36 -8.21
C2 PEG CA . 4.92 -18.63 -6.60
O2 PEG CA . 4.19 -17.79 -5.77
C3 PEG CA . 4.96 -17.33 -4.75
C4 PEG CA . 6.13 -16.64 -5.38
O4 PEG CA . 7.22 -16.81 -4.47
S DMS DA . 10.86 2.34 -13.50
O DMS DA . 10.21 2.50 -14.86
C1 DMS DA . 9.62 2.41 -12.19
C2 DMS DA . 11.43 0.63 -13.34
C1 EDO EA . 8.66 -37.87 -17.54
O1 EDO EA . 9.16 -38.91 -18.41
C2 EDO EA . 7.65 -36.97 -18.24
O2 EDO EA . 6.91 -36.16 -17.31
C1 PGE FA . 3.71 -31.18 -6.01
O1 PGE FA . 2.96 -32.16 -5.31
C2 PGE FA . 3.82 -31.51 -7.47
O2 PGE FA . 2.53 -31.50 -8.06
C3 PGE FA . 2.45 -30.71 -9.23
C4 PGE FA . 1.17 -29.91 -9.26
O4 PGE FA . 0.35 -26.60 -6.58
C6 PGE FA . -0.43 -27.43 -7.43
C5 PGE FA . 0.30 -27.79 -8.69
O3 PGE FA . 1.29 -28.77 -8.43
C1 EDO GA . 2.48 2.95 -24.78
O1 EDO GA . 1.87 1.67 -24.84
C2 EDO GA . 3.95 2.79 -24.41
O2 EDO GA . 4.60 4.07 -24.46
C1 EDO HA . -15.08 -22.34 -34.41
O1 EDO HA . -15.63 -23.34 -35.29
C2 EDO HA . -16.11 -21.91 -33.38
O2 EDO HA . -15.50 -20.98 -32.46
C1 PGE IA . 0.61 -39.63 -17.48
O1 PGE IA . -0.54 -40.38 -17.79
C2 PGE IA . 1.60 -39.77 -18.62
O2 PGE IA . 2.70 -38.88 -18.55
C3 PGE IA . 3.24 -38.81 -19.84
C4 PGE IA . 2.16 -38.50 -20.85
O4 PGE IA . -0.82 -40.23 -22.45
C6 PGE IA . 0.56 -40.10 -22.21
C5 PGE IA . 1.31 -39.09 -23.01
O3 PGE IA . 2.42 -38.85 -22.21
S DMS JA . 12.72 -37.72 -27.06
O DMS JA . 11.65 -36.68 -27.25
C1 DMS JA . 12.64 -38.37 -25.36
C2 DMS JA . 12.38 -39.20 -28.06
C1 EDO KA . 15.87 -18.66 -22.04
O1 EDO KA . 16.01 -17.36 -22.64
C2 EDO KA . 15.29 -18.52 -20.63
O2 EDO KA . 16.12 -19.24 -19.69
C2 VLF LA . 15.21 -15.07 -15.27
C4 VLF LA . 12.80 -15.31 -15.08
C5 VLF LA . 12.82 -16.25 -16.10
C6 VLF LA . 14.02 -16.61 -16.71
C1 VLF LA . 16.50 -14.42 -14.82
C12 VLF LA . 10.44 -15.16 -18.39
C13 VLF LA . 9.18 -14.33 -18.71
C14 VLF LA . 9.30 -13.62 -20.04
C15 VLF LA . 8.76 -14.18 -21.20
C16 VLF LA . 8.88 -13.53 -22.42
C17 VLF LA . 9.54 -12.32 -22.51
C18 VLF LA . 10.08 -11.77 -21.36
C19 VLF LA . 9.96 -12.40 -20.15
C20 VLF LA . 11.71 -14.32 -18.45
C22 VLF LA . 12.61 -14.50 -19.64
C3 VLF LA . 13.99 -14.73 -14.67
C7 VLF LA . 15.19 -16.01 -16.28
N11 VLF LA . 10.31 -15.77 -17.06
O10 VLF LA . 11.58 -17.68 -17.86
O21 VLF LA . 11.98 -13.53 -17.56
O23 VLF LA . 12.93 -15.82 -20.04
O9 VLF LA . 10.73 -17.66 -15.54
S8 VLF LA . 11.31 -16.97 -16.64
#